data_1CUL
#
_entry.id   1CUL
#
_cell.length_a   118.2
_cell.length_b   133.6
_cell.length_c   70.6
_cell.angle_alpha   90.0
_cell.angle_beta   90.0
_cell.angle_gamma   90.0
#
_symmetry.space_group_name_H-M   'P 21 21 2'
#
loop_
_entity.id
_entity.type
_entity.pdbx_description
1 polymer 'TYPE V ADENYLYL CYCLASE'
2 polymer 'TYPE II ADENYLYL CYCLASE'
3 polymer 'GUANINE NUCLEOTIDE-BINDING PROTEIN G(S)'
4 non-polymer 'MAGNESIUM ION'
5 non-polymer FORSKOLIN
6 non-polymer TRIPHOSPHATE
7 non-polymer '2-(N-MORPHOLINO)-ETHANESULFONIC ACID'
8 non-polymer "2',5'-DIDEOXY-ADENOSINE 3'-MONOPHOSPHATE"
9 non-polymer 'CHLORIDE ION'
10 non-polymer "5'-GUANOSINE-DIPHOSPHATE-MONOTHIOPHOSPHATE"
11 water water
#
loop_
_entity_poly.entity_id
_entity_poly.type
_entity_poly.pdbx_seq_one_letter_code
_entity_poly.pdbx_strand_id
1 'polypeptide(L)'
;MEMKADINAKQEDMMFHKIYIQKHDNVSILFADIEGFTSLASQCTAQELVMTLNELFARFDKLAAENHCLRIKILGDCYY
CVSGLPEARADHAHCCVEMGMDMIEAISLVREMTGVNVNMRVGIHSGRVHCGVLGLRKWQFDVWSNDVTLANHMEAGGKA
GRIHITKATLSYLNGDYEVEPGCGGERNAYLKEHSIETFLILRCTQKRKEEKAMIAK
;
A
2 'polypeptide(L)'
;NEELYHQSYDCVCVMFASIPDFKEFYTESDVNKEGLECLRLLNEIIADFDDLLSKPKFSGVEKIKTIGSTYMAATGLSAI
PSQEHAQEPERQYMHIGTMVEFAYALVGKLDAINKHSFNDFKLRVGINHGPVIAGVIGAQKPQYDIWGNTVNVASRMDST
GVLDKIQVTEETSLILQTLGYTCTCRGIINVKGKGDLKTYFVNTEMSR
;
B
3 'polypeptide(L)'
;MGCLGNSKTEDQRNEEKAQREANKKIEKQLQKDKQVYRATHRLLLLGAGESGKSTIVKQMRILHVNGFNGDGEKATKVQD
IKNNLKEAIETIVAAMSNLVPPVELANPENQFRVDYILSVMNVPDFDFPPEFYEHAKALWEDEGVRACYERSNEYQLIDC
AQYFLDKIDVIKQDDYVPSDQDLLRCRVLTSGIFETKFQVDKVNFHMFDVGGQRDERRKWIQCFNDVTAIIFVVASSSYN
MVIREDNQTNRLQEALNLFKSIWNNRWLRTISVILFLNKQDLLAEKVLAGKSKIEDYFPEFARYTTPEDATPEPGEDPRV
TRAKYFIRDEFLRISTASGDGRHYCYPHFTCAVDTENIRRVFNDCRDIIQRMHLRQYELL
;
C
#
loop_
_chem_comp.id
_chem_comp.type
_chem_comp.name
_chem_comp.formula
103 non-polymer '2',5'-DIDEOXY-ADENOSINE 3'-MONOPHOSPHATE' 'C10 H14 N5 O5 P'
3PO non-polymer TRIPHOSPHATE 'H5 O10 P3'
CL non-polymer 'CHLORIDE ION' 'Cl -1'
FOK non-polymer FORSKOLIN 'C22 H34 O7'
GSP non-polymer 5'-GUANOSINE-DIPHOSPHATE-MONOTHIOPHOSPHATE 'C10 H16 N5 O13 P3 S'
MES non-polymer '2-(N-MORPHOLINO)-ETHANESULFONIC ACID' 'C6 H13 N O4 S'
MG non-polymer 'MAGNESIUM ION' 'Mg 2'
#
# COMPACT_ATOMS: atom_id res chain seq x y z
N MET A 14 13.47 -16.60 -9.51
CA MET A 14 13.27 -15.46 -8.62
C MET A 14 12.25 -14.44 -9.17
N MET A 15 11.08 -14.39 -8.53
CA MET A 15 10.02 -13.47 -8.92
C MET A 15 10.42 -12.04 -8.56
N PHE A 16 10.83 -11.85 -7.30
CA PHE A 16 11.26 -10.57 -6.77
C PHE A 16 12.79 -10.55 -6.71
N HIS A 17 13.40 -9.38 -6.85
CA HIS A 17 14.85 -9.28 -6.75
C HIS A 17 15.19 -9.71 -5.32
N LYS A 18 16.41 -10.18 -5.11
CA LYS A 18 16.81 -10.60 -3.77
C LYS A 18 16.89 -9.36 -2.88
N ILE A 19 16.29 -9.45 -1.70
CA ILE A 19 16.31 -8.34 -0.76
C ILE A 19 17.37 -8.53 0.34
N TYR A 20 18.33 -7.63 0.39
CA TYR A 20 19.40 -7.69 1.40
C TYR A 20 18.98 -6.90 2.64
N ILE A 21 17.95 -7.37 3.30
CA ILE A 21 17.41 -6.73 4.51
C ILE A 21 17.14 -7.76 5.60
N GLN A 22 17.29 -7.32 6.84
CA GLN A 22 17.07 -8.18 8.00
C GLN A 22 16.52 -7.41 9.20
N LYS A 23 15.61 -8.04 9.94
CA LYS A 23 15.00 -7.42 11.12
C LYS A 23 15.87 -7.51 12.38
N HIS A 24 15.87 -6.44 13.18
CA HIS A 24 16.63 -6.39 14.42
C HIS A 24 15.85 -5.70 15.55
N ASP A 25 15.52 -6.44 16.61
CA ASP A 25 14.79 -5.87 17.76
C ASP A 25 15.74 -5.30 18.81
N ASN A 26 15.18 -4.54 19.75
CA ASN A 26 15.96 -3.94 20.84
C ASN A 26 17.20 -3.24 20.31
N VAL A 27 16.95 -2.11 19.66
CA VAL A 27 17.96 -1.27 19.04
C VAL A 27 17.62 0.18 19.35
N SER A 28 18.61 1.07 19.33
CA SER A 28 18.39 2.50 19.58
C SER A 28 18.84 3.35 18.38
N ILE A 29 17.98 4.28 17.95
CA ILE A 29 18.28 5.14 16.81
C ILE A 29 18.41 6.60 17.21
N LEU A 30 19.54 7.21 16.83
CA LEU A 30 19.80 8.61 17.14
C LEU A 30 19.82 9.47 15.89
N PHE A 31 19.20 10.64 15.96
CA PHE A 31 19.15 11.59 14.84
C PHE A 31 19.68 12.95 15.28
N ALA A 32 20.59 13.51 14.49
CA ALA A 32 21.16 14.82 14.77
C ALA A 32 20.95 15.67 13.52
N ASP A 33 20.46 16.89 13.70
CA ASP A 33 20.19 17.77 12.57
C ASP A 33 20.58 19.21 12.88
N ILE A 34 21.24 19.85 11.93
CA ILE A 34 21.67 21.24 12.09
C ILE A 34 20.51 22.20 11.87
N GLU A 35 20.40 23.23 12.71
CA GLU A 35 19.31 24.21 12.56
C GLU A 35 19.61 25.21 11.47
N GLY A 36 18.55 25.61 10.75
CA GLY A 36 18.66 26.58 9.66
C GLY A 36 19.72 26.32 8.61
N PHE A 37 19.84 25.07 8.17
CA PHE A 37 20.85 24.68 7.16
C PHE A 37 20.72 25.37 5.79
N THR A 38 19.49 25.51 5.31
CA THR A 38 19.27 26.16 4.02
C THR A 38 19.63 27.65 4.17
N SER A 39 19.34 28.21 5.34
CA SER A 39 19.64 29.60 5.63
C SER A 39 21.16 29.79 5.72
N LEU A 40 21.81 28.88 6.44
CA LEU A 40 23.25 28.88 6.65
C LEU A 40 24.03 28.73 5.33
N ALA A 41 23.57 27.81 4.47
CA ALA A 41 24.21 27.55 3.19
C ALA A 41 24.08 28.70 2.18
N SER A 42 23.08 29.55 2.38
CA SER A 42 22.84 30.70 1.51
C SER A 42 23.85 31.80 1.75
N GLN A 43 24.31 31.92 2.99
CA GLN A 43 25.25 32.97 3.39
C GLN A 43 26.71 32.70 3.07
N CYS A 44 27.23 31.60 3.60
CA CYS A 44 28.62 31.23 3.38
C CYS A 44 28.87 30.50 2.06
N THR A 45 30.13 30.53 1.63
CA THR A 45 30.56 29.90 0.39
C THR A 45 30.26 28.40 0.36
N ALA A 46 30.05 27.86 -0.84
CA ALA A 46 29.78 26.43 -1.01
C ALA A 46 31.05 25.67 -0.61
N GLN A 47 32.18 26.36 -0.69
CA GLN A 47 33.49 25.81 -0.35
C GLN A 47 33.64 25.70 1.18
N GLU A 48 33.39 26.80 1.91
CA GLU A 48 33.52 26.79 3.36
C GLU A 48 32.45 25.97 4.10
N LEU A 49 31.24 25.93 3.54
CA LEU A 49 30.15 25.14 4.13
C LEU A 49 30.63 23.70 4.25
N VAL A 50 31.16 23.18 3.15
CA VAL A 50 31.67 21.82 3.07
C VAL A 50 32.82 21.57 4.05
N MET A 51 33.65 22.57 4.30
CA MET A 51 34.76 22.41 5.24
C MET A 51 34.25 22.34 6.69
N THR A 52 33.27 23.18 7.00
CA THR A 52 32.65 23.23 8.32
C THR A 52 31.90 21.95 8.61
N LEU A 53 31.30 21.38 7.56
CA LEU A 53 30.54 20.14 7.67
C LEU A 53 31.40 18.89 7.69
N ASN A 54 32.54 18.93 7.00
CA ASN A 54 33.46 17.80 6.98
C ASN A 54 34.18 17.73 8.31
N GLU A 55 34.46 18.90 8.88
CA GLU A 55 35.13 19.00 10.16
C GLU A 55 34.21 18.38 11.22
N LEU A 56 32.96 18.78 11.20
CA LEU A 56 31.95 18.31 12.14
C LEU A 56 31.64 16.81 12.03
N PHE A 57 31.36 16.33 10.81
CA PHE A 57 31.02 14.93 10.58
C PHE A 57 32.15 13.93 10.71
N ALA A 58 33.39 14.40 10.60
CA ALA A 58 34.54 13.51 10.71
C ALA A 58 34.65 13.15 12.18
N ARG A 59 34.49 14.16 13.03
CA ARG A 59 34.53 14.02 14.49
C ARG A 59 33.39 13.14 14.96
N PHE A 60 32.22 13.32 14.35
CA PHE A 60 31.06 12.52 14.70
C PHE A 60 31.34 11.05 14.41
N ASP A 61 31.97 10.80 13.27
CA ASP A 61 32.28 9.43 12.89
C ASP A 61 33.30 8.78 13.83
N LYS A 62 34.13 9.59 14.48
CA LYS A 62 35.14 9.11 15.44
C LYS A 62 34.44 8.72 16.73
N LEU A 63 33.62 9.65 17.23
CA LEU A 63 32.85 9.48 18.45
C LEU A 63 31.93 8.27 18.36
N ALA A 64 31.46 7.97 17.16
CA ALA A 64 30.56 6.85 16.93
C ALA A 64 31.21 5.47 17.14
N ALA A 65 32.43 5.29 16.64
CA ALA A 65 33.14 4.02 16.79
C ALA A 65 33.40 3.71 18.26
N GLU A 66 33.78 4.75 19.00
CA GLU A 66 34.08 4.66 20.44
C GLU A 66 32.82 4.27 21.21
N ASN A 67 31.77 5.08 21.06
CA ASN A 67 30.50 4.85 21.74
C ASN A 67 29.72 3.64 21.22
N HIS A 68 30.37 2.80 20.41
CA HIS A 68 29.74 1.58 19.87
C HIS A 68 28.50 1.79 18.98
N CYS A 69 28.40 2.98 18.39
CA CYS A 69 27.29 3.30 17.50
C CYS A 69 27.73 3.04 16.06
N LEU A 70 26.77 2.70 15.21
CA LEU A 70 27.07 2.47 13.80
C LEU A 70 26.40 3.58 13.02
N ARG A 71 27.22 4.46 12.43
CA ARG A 71 26.69 5.57 11.64
C ARG A 71 26.03 5.04 10.37
N ILE A 72 24.85 5.58 10.06
CA ILE A 72 24.12 5.17 8.87
C ILE A 72 24.42 6.06 7.66
N LYS A 73 23.84 7.25 7.61
CA LYS A 73 24.06 8.18 6.49
C LYS A 73 24.16 9.62 6.94
N ILE A 74 24.50 10.48 5.99
CA ILE A 74 24.57 11.92 6.21
C ILE A 74 23.73 12.48 5.06
N LEU A 75 22.68 13.20 5.40
CA LEU A 75 21.79 13.79 4.41
C LEU A 75 21.96 15.29 4.40
N GLY A 76 23.14 15.74 3.95
CA GLY A 76 23.43 17.16 3.92
C GLY A 76 23.75 17.62 5.32
N ASP A 77 22.70 17.93 6.08
CA ASP A 77 22.84 18.39 7.46
C ASP A 77 22.28 17.40 8.50
N CYS A 78 21.70 16.30 8.04
CA CYS A 78 21.12 15.29 8.93
C CYS A 78 22.09 14.14 9.14
N TYR A 79 22.39 13.87 10.41
CA TYR A 79 23.31 12.81 10.77
C TYR A 79 22.63 11.78 11.66
N TYR A 80 22.65 10.51 11.27
CA TYR A 80 22.04 9.48 12.10
C TYR A 80 22.82 8.18 12.23
N CYS A 81 22.76 7.62 13.44
CA CYS A 81 23.44 6.37 13.74
C CYS A 81 22.57 5.46 14.58
N VAL A 82 22.95 4.20 14.65
CA VAL A 82 22.21 3.20 15.39
C VAL A 82 23.15 2.40 16.30
N SER A 83 22.72 2.18 17.54
CA SER A 83 23.49 1.41 18.48
C SER A 83 22.74 0.10 18.64
N GLY A 84 23.46 -1.01 18.69
CA GLY A 84 22.80 -2.30 18.80
C GLY A 84 22.92 -3.07 17.50
N LEU A 85 23.79 -2.59 16.62
CA LEU A 85 24.05 -3.20 15.32
C LEU A 85 25.55 -3.21 15.02
N PRO A 86 26.03 -4.24 14.30
CA PRO A 86 25.23 -5.35 13.75
C PRO A 86 24.84 -6.43 14.78
N GLU A 87 25.62 -6.54 15.85
CA GLU A 87 25.37 -7.52 16.90
C GLU A 87 24.65 -6.90 18.09
N ALA A 88 23.73 -7.67 18.67
CA ALA A 88 22.95 -7.23 19.83
C ALA A 88 23.81 -6.68 20.96
N ARG A 89 23.29 -5.67 21.65
CA ARG A 89 23.98 -5.03 22.76
C ARG A 89 22.98 -4.40 23.72
N ALA A 90 22.96 -4.90 24.96
CA ALA A 90 22.04 -4.40 25.99
C ALA A 90 22.50 -3.04 26.53
N ASP A 91 23.65 -2.59 26.05
CA ASP A 91 24.23 -1.31 26.46
C ASP A 91 23.83 -0.23 25.46
N HIS A 92 22.99 -0.62 24.49
CA HIS A 92 22.54 0.27 23.41
C HIS A 92 21.98 1.65 23.69
N ALA A 93 20.95 1.75 24.53
CA ALA A 93 20.37 3.05 24.84
C ALA A 93 21.41 4.01 25.43
N HIS A 94 22.32 3.44 26.22
CA HIS A 94 23.39 4.21 26.87
C HIS A 94 24.36 4.76 25.83
N CYS A 95 24.71 3.92 24.86
CA CYS A 95 25.63 4.31 23.81
C CYS A 95 25.14 5.53 23.04
N CYS A 96 23.90 5.47 22.55
CA CYS A 96 23.28 6.57 21.82
C CYS A 96 23.20 7.84 22.66
N VAL A 97 22.86 7.68 23.94
CA VAL A 97 22.79 8.84 24.83
C VAL A 97 24.18 9.43 25.00
N GLU A 98 25.18 8.55 25.14
CA GLU A 98 26.56 8.99 25.29
C GLU A 98 27.04 9.64 23.99
N MET A 99 26.63 9.06 22.87
CA MET A 99 26.98 9.56 21.54
C MET A 99 26.48 11.01 21.36
N GLY A 100 25.27 11.27 21.84
CA GLY A 100 24.72 12.60 21.74
C GLY A 100 25.48 13.56 22.62
N MET A 101 25.93 13.08 23.78
CA MET A 101 26.68 13.89 24.73
C MET A 101 27.95 14.41 24.07
N ASP A 102 28.68 13.49 23.44
CA ASP A 102 29.92 13.81 22.75
C ASP A 102 29.66 14.69 21.51
N MET A 103 28.52 14.45 20.85
CA MET A 103 28.13 15.22 19.67
C MET A 103 27.96 16.70 20.01
N ILE A 104 27.07 16.98 20.96
CA ILE A 104 26.79 18.34 21.40
C ILE A 104 28.05 19.11 21.77
N GLU A 105 28.99 18.41 22.42
CA GLU A 105 30.23 19.04 22.81
C GLU A 105 31.13 19.31 21.61
N ALA A 106 31.09 18.41 20.62
CA ALA A 106 31.87 18.54 19.39
C ALA A 106 31.42 19.76 18.61
N ILE A 107 30.11 19.97 18.56
CA ILE A 107 29.51 21.09 17.86
C ILE A 107 29.93 22.42 18.51
N SER A 108 30.12 22.38 19.83
CA SER A 108 30.52 23.56 20.60
C SER A 108 31.94 24.01 20.27
N LEU A 109 32.83 23.04 20.08
CA LEU A 109 34.23 23.32 19.75
C LEU A 109 34.31 23.91 18.34
N VAL A 110 33.53 23.35 17.42
CA VAL A 110 33.49 23.80 16.03
C VAL A 110 32.81 25.16 15.90
N ARG A 111 31.89 25.46 16.81
CA ARG A 111 31.18 26.74 16.80
C ARG A 111 32.16 27.87 17.08
N GLU A 112 33.09 27.63 18.00
CA GLU A 112 34.12 28.60 18.40
C GLU A 112 35.32 28.60 17.45
N MET A 113 35.82 27.40 17.15
CA MET A 113 36.97 27.24 16.25
C MET A 113 36.70 27.80 14.86
N THR A 114 35.49 27.59 14.35
CA THR A 114 35.11 28.06 13.02
C THR A 114 34.39 29.42 13.02
N GLY A 115 33.79 29.77 14.15
CA GLY A 115 33.08 31.03 14.25
C GLY A 115 31.76 31.00 13.49
N VAL A 116 31.34 29.79 13.12
CA VAL A 116 30.10 29.58 12.38
C VAL A 116 28.96 29.23 13.32
N ASN A 117 27.76 29.69 12.99
CA ASN A 117 26.55 29.44 13.79
C ASN A 117 25.94 28.05 13.51
N VAL A 118 26.57 27.01 14.02
CA VAL A 118 26.07 25.65 13.85
C VAL A 118 25.44 25.10 15.12
N ASN A 119 24.18 24.71 15.04
CA ASN A 119 23.48 24.15 16.17
C ASN A 119 22.73 22.91 15.73
N MET A 120 22.64 21.93 16.62
CA MET A 120 21.94 20.70 16.30
C MET A 120 20.95 20.26 17.35
N ARG A 121 19.97 19.47 16.92
CA ARG A 121 18.97 18.92 17.82
C ARG A 121 19.18 17.42 17.78
N VAL A 122 19.14 16.76 18.94
CA VAL A 122 19.32 15.32 18.98
C VAL A 122 18.05 14.56 19.35
N GLY A 123 17.76 13.48 18.62
CA GLY A 123 16.57 12.71 18.90
C GLY A 123 16.90 11.25 19.05
N ILE A 124 16.34 10.60 20.06
CA ILE A 124 16.61 9.20 20.30
C ILE A 124 15.35 8.41 20.60
N HIS A 125 15.27 7.22 20.03
CA HIS A 125 14.15 6.33 20.28
C HIS A 125 14.71 4.93 20.20
N SER A 126 14.01 3.99 20.81
CA SER A 126 14.46 2.61 20.79
C SER A 126 13.30 1.71 20.43
N GLY A 127 13.59 0.68 19.66
CA GLY A 127 12.57 -0.25 19.24
C GLY A 127 13.19 -1.16 18.21
N ARG A 128 12.38 -1.66 17.27
CA ARG A 128 12.88 -2.52 16.23
C ARG A 128 13.10 -1.78 14.92
N VAL A 129 14.07 -2.25 14.14
CA VAL A 129 14.38 -1.65 12.85
C VAL A 129 14.76 -2.73 11.84
N HIS A 130 14.49 -2.44 10.58
CA HIS A 130 14.89 -3.33 9.51
C HIS A 130 16.07 -2.57 8.98
N CYS A 131 17.15 -3.29 8.68
CA CYS A 131 18.32 -2.62 8.13
C CYS A 131 18.81 -3.39 6.91
N GLY A 132 19.61 -2.72 6.09
CA GLY A 132 20.15 -3.36 4.90
C GLY A 132 20.36 -2.35 3.79
N VAL A 133 20.06 -2.78 2.57
CA VAL A 133 20.19 -1.95 1.38
C VAL A 133 18.99 -2.15 0.46
N LEU A 134 18.74 -1.17 -0.38
CA LEU A 134 17.63 -1.21 -1.33
C LEU A 134 18.13 -0.85 -2.72
N GLY A 135 17.65 -1.57 -3.73
CA GLY A 135 18.05 -1.28 -5.08
C GLY A 135 19.18 -2.14 -5.62
N LEU A 136 19.76 -1.66 -6.71
CA LEU A 136 20.85 -2.37 -7.36
C LEU A 136 22.10 -1.51 -7.35
N ARG A 137 21.93 -0.22 -7.57
CA ARG A 137 23.07 0.67 -7.64
C ARG A 137 23.20 1.60 -6.45
N LYS A 138 24.44 2.03 -6.21
CA LYS A 138 24.82 2.93 -5.12
C LYS A 138 24.31 2.50 -3.75
N TRP A 139 24.55 1.24 -3.41
CA TRP A 139 24.13 0.68 -2.12
C TRP A 139 24.69 1.49 -0.96
N GLN A 140 23.83 1.81 -0.02
CA GLN A 140 24.21 2.52 1.18
C GLN A 140 23.38 1.92 2.31
N PHE A 141 24.06 1.39 3.33
CA PHE A 141 23.41 0.76 4.47
C PHE A 141 22.39 1.72 5.10
N ASP A 142 21.16 1.22 5.31
CA ASP A 142 20.11 2.06 5.87
C ASP A 142 19.15 1.30 6.78
N VAL A 143 18.37 2.06 7.54
CA VAL A 143 17.37 1.51 8.46
C VAL A 143 16.00 2.08 8.18
N TRP A 144 14.96 1.25 8.36
CA TRP A 144 13.58 1.66 8.17
C TRP A 144 12.73 0.98 9.22
N SER A 145 11.66 1.68 9.63
CA SER A 145 10.67 1.22 10.61
C SER A 145 9.95 2.41 11.25
N ASN A 146 8.79 2.15 11.86
CA ASN A 146 8.02 3.21 12.53
C ASN A 146 8.89 3.81 13.61
N ASP A 147 9.67 2.95 14.26
CA ASP A 147 10.57 3.38 15.31
C ASP A 147 11.62 4.30 14.77
N VAL A 148 12.12 4.04 13.57
CA VAL A 148 13.10 4.92 12.97
C VAL A 148 12.38 6.21 12.59
N THR A 149 11.16 6.09 12.06
CA THR A 149 10.37 7.27 11.66
C THR A 149 10.17 8.16 12.88
N LEU A 150 9.85 7.52 14.01
CA LEU A 150 9.62 8.23 15.27
C LEU A 150 10.89 8.92 15.74
N ALA A 151 12.01 8.20 15.68
CA ALA A 151 13.31 8.75 16.09
C ALA A 151 13.61 10.01 15.31
N ASN A 152 13.22 10.03 14.05
CA ASN A 152 13.44 11.19 13.18
C ASN A 152 12.63 12.38 13.68
N HIS A 153 11.36 12.12 14.03
CA HIS A 153 10.46 13.15 14.54
C HIS A 153 10.88 13.69 15.92
N MET A 154 11.61 12.87 16.68
CA MET A 154 12.12 13.29 17.99
C MET A 154 13.16 14.40 17.81
N GLU A 155 13.95 14.28 16.74
CA GLU A 155 14.96 15.27 16.41
C GLU A 155 14.25 16.55 15.98
N ALA A 156 13.20 16.38 15.18
CA ALA A 156 12.40 17.51 14.69
C ALA A 156 11.69 18.19 15.85
N GLY A 157 11.29 17.40 16.85
CA GLY A 157 10.60 17.94 18.00
C GLY A 157 11.51 18.19 19.19
N GLY A 158 12.82 18.09 18.97
CA GLY A 158 13.77 18.30 20.04
C GLY A 158 14.07 19.76 20.31
N LYS A 159 15.14 20.00 21.06
CA LYS A 159 15.54 21.36 21.38
C LYS A 159 17.01 21.56 21.08
N ALA A 160 17.36 22.76 20.66
CA ALA A 160 18.73 23.12 20.32
C ALA A 160 19.75 22.80 21.42
N GLY A 161 20.77 22.03 21.04
CA GLY A 161 21.83 21.66 21.97
C GLY A 161 21.40 20.74 23.10
N ARG A 162 20.38 19.93 22.88
CA ARG A 162 19.90 19.01 23.90
C ARG A 162 19.49 17.68 23.32
N ILE A 163 19.44 16.65 24.15
CA ILE A 163 19.07 15.31 23.72
C ILE A 163 17.64 14.96 24.11
N HIS A 164 16.76 14.86 23.12
CA HIS A 164 15.34 14.56 23.31
C HIS A 164 15.09 13.06 23.15
N ILE A 165 14.71 12.38 24.24
CA ILE A 165 14.45 10.93 24.17
C ILE A 165 13.01 10.55 24.49
N THR A 166 12.60 9.35 24.07
CA THR A 166 11.25 8.84 24.31
C THR A 166 11.13 8.01 25.59
N LYS A 167 9.91 7.60 25.92
CA LYS A 167 9.69 6.79 27.12
C LYS A 167 10.38 5.44 26.92
N ALA A 168 10.29 4.93 25.69
CA ALA A 168 10.91 3.65 25.32
C ALA A 168 12.42 3.68 25.57
N THR A 169 13.09 4.75 25.16
CA THR A 169 14.55 4.89 25.37
C THR A 169 14.86 5.04 26.85
N LEU A 170 13.95 5.67 27.58
CA LEU A 170 14.12 5.87 29.01
C LEU A 170 14.09 4.53 29.76
N SER A 171 13.27 3.59 29.30
CA SER A 171 13.15 2.29 29.93
C SER A 171 14.38 1.40 29.71
N TYR A 172 15.18 1.72 28.71
CA TYR A 172 16.39 0.96 28.43
C TYR A 172 17.60 1.60 29.11
N LEU A 173 17.42 2.82 29.61
CA LEU A 173 18.48 3.55 30.28
C LEU A 173 18.69 3.16 31.74
N ASN A 174 17.82 2.29 32.25
CA ASN A 174 17.88 1.81 33.64
C ASN A 174 18.04 2.89 34.72
N GLY A 175 17.58 4.10 34.42
CA GLY A 175 17.66 5.21 35.37
C GLY A 175 19.03 5.79 35.64
N ASP A 176 19.92 5.69 34.67
CA ASP A 176 21.28 6.21 34.83
C ASP A 176 21.47 7.68 34.45
N TYR A 177 20.42 8.30 33.90
CA TYR A 177 20.50 9.71 33.49
C TYR A 177 19.34 10.50 34.06
N GLU A 178 19.64 11.73 34.49
CA GLU A 178 18.62 12.61 35.03
C GLU A 178 17.93 13.36 33.90
N VAL A 179 16.62 13.13 33.77
CA VAL A 179 15.84 13.76 32.72
C VAL A 179 14.81 14.73 33.29
N GLU A 180 14.18 15.48 32.40
CA GLU A 180 13.13 16.43 32.74
C GLU A 180 12.04 16.26 31.69
N PRO A 181 10.79 16.67 32.01
CA PRO A 181 9.72 16.57 31.02
C PRO A 181 10.10 17.23 29.69
N GLY A 182 9.95 16.46 28.61
CA GLY A 182 10.29 16.94 27.28
C GLY A 182 9.24 17.80 26.59
N CYS A 183 7.97 17.44 26.76
CA CYS A 183 6.86 18.18 26.14
C CYS A 183 7.01 18.16 24.61
N GLY A 184 7.44 17.03 24.08
CA GLY A 184 7.62 16.91 22.64
C GLY A 184 6.32 17.05 21.88
N GLY A 185 5.22 16.70 22.54
CA GLY A 185 3.92 16.79 21.91
C GLY A 185 3.53 18.19 21.50
N GLU A 186 4.10 19.19 22.16
CA GLU A 186 3.80 20.57 21.84
C GLU A 186 4.69 21.24 20.79
N ARG A 187 5.74 20.56 20.37
CA ARG A 187 6.64 21.12 19.36
C ARG A 187 6.58 20.35 18.04
N ASN A 188 5.91 19.20 18.05
CA ASN A 188 5.81 18.38 16.86
C ASN A 188 4.48 17.60 16.82
N ALA A 189 3.72 17.82 15.75
CA ALA A 189 2.42 17.18 15.57
C ALA A 189 2.44 15.65 15.58
N TYR A 190 3.51 15.05 15.09
CA TYR A 190 3.63 13.60 15.05
C TYR A 190 3.68 12.97 16.46
N LEU A 191 4.48 13.57 17.34
CA LEU A 191 4.64 13.08 18.70
C LEU A 191 3.32 13.17 19.46
N LYS A 192 2.57 14.25 19.23
CA LYS A 192 1.28 14.45 19.90
C LYS A 192 0.25 13.43 19.41
N GLU A 193 -0.02 13.45 18.11
CA GLU A 193 -0.99 12.55 17.50
C GLU A 193 -0.69 11.08 17.75
N HIS A 194 0.52 10.78 18.22
CA HIS A 194 0.89 9.41 18.53
C HIS A 194 1.03 9.18 20.02
N SER A 195 0.59 10.18 20.80
CA SER A 195 0.60 10.15 22.27
C SER A 195 1.95 9.72 22.81
N ILE A 196 3.03 10.25 22.26
CA ILE A 196 4.38 9.90 22.70
C ILE A 196 4.89 10.76 23.87
N GLU A 197 5.30 10.09 24.94
CA GLU A 197 5.84 10.79 26.10
C GLU A 197 7.32 11.06 25.87
N THR A 198 7.71 12.33 25.93
CA THR A 198 9.11 12.68 25.70
C THR A 198 9.82 13.28 26.92
N PHE A 199 11.15 13.19 26.91
CA PHE A 199 11.99 13.70 28.00
C PHE A 199 13.28 14.31 27.46
N LEU A 200 13.74 15.38 28.10
CA LEU A 200 14.99 16.05 27.73
C LEU A 200 16.03 15.69 28.79
N ILE A 201 17.19 15.21 28.35
CA ILE A 201 18.27 14.84 29.26
C ILE A 201 19.03 16.03 29.83
N LEU A 202 19.27 15.99 31.15
CA LEU A 202 19.99 17.05 31.86
C LEU A 202 21.50 16.93 31.71
N TYR B 5 39.65 13.20 -3.16
CA TYR B 5 39.08 14.21 -2.26
C TYR B 5 37.94 15.01 -2.94
N HIS B 6 37.88 16.31 -2.65
CA HIS B 6 36.82 17.19 -3.18
C HIS B 6 37.18 18.02 -4.43
N GLN B 7 36.16 18.24 -5.27
CA GLN B 7 36.29 19.03 -6.49
C GLN B 7 35.08 19.95 -6.59
N SER B 8 35.31 21.18 -7.08
CA SER B 8 34.25 22.16 -7.24
C SER B 8 33.61 22.06 -8.63
N TYR B 9 32.32 22.40 -8.73
CA TYR B 9 31.61 22.36 -10.02
C TYR B 9 30.87 23.65 -10.28
N ASP B 10 30.66 23.96 -11.56
CA ASP B 10 29.99 25.20 -11.96
C ASP B 10 28.57 25.09 -12.49
N CYS B 11 28.23 23.96 -13.10
CA CYS B 11 26.91 23.78 -13.66
C CYS B 11 26.45 22.33 -13.60
N VAL B 12 25.87 21.96 -12.46
CA VAL B 12 25.37 20.61 -12.24
C VAL B 12 23.86 20.67 -11.99
N CYS B 13 23.12 19.77 -12.61
CA CYS B 13 21.68 19.71 -12.48
C CYS B 13 21.32 18.65 -11.43
N VAL B 14 20.72 19.08 -10.33
CA VAL B 14 20.35 18.15 -9.26
C VAL B 14 18.87 17.84 -9.32
N MET B 15 18.52 16.59 -9.04
CA MET B 15 17.13 16.19 -9.05
C MET B 15 16.69 15.34 -7.86
N PHE B 16 15.52 15.68 -7.32
CA PHE B 16 14.91 14.95 -6.21
C PHE B 16 13.53 14.49 -6.71
N ALA B 17 13.31 13.18 -6.68
CA ALA B 17 12.06 12.58 -7.11
C ALA B 17 11.46 11.80 -5.94
N SER B 18 10.45 12.37 -5.31
CA SER B 18 9.79 11.72 -4.17
C SER B 18 8.55 10.94 -4.54
N ILE B 19 8.13 10.07 -3.63
CA ILE B 19 6.90 9.28 -3.77
C ILE B 19 6.15 9.49 -2.45
N PRO B 20 5.57 10.68 -2.26
CA PRO B 20 4.88 11.03 -1.01
C PRO B 20 3.78 10.11 -0.49
N ASP B 21 3.19 9.29 -1.34
CA ASP B 21 2.15 8.36 -0.88
C ASP B 21 2.72 7.08 -0.30
N PHE B 22 4.03 6.87 -0.43
CA PHE B 22 4.62 5.64 0.10
C PHE B 22 4.51 5.49 1.61
N LYS B 23 4.74 6.59 2.33
CA LYS B 23 4.69 6.64 3.79
C LYS B 23 3.37 6.07 4.33
N GLU B 24 2.28 6.36 3.63
CA GLU B 24 0.96 5.88 4.01
C GLU B 24 0.74 4.42 3.62
N PHE B 25 1.42 3.99 2.55
CA PHE B 25 1.31 2.60 2.09
C PHE B 25 2.02 1.71 3.07
N TYR B 26 3.03 2.28 3.73
CA TYR B 26 3.84 1.56 4.70
C TYR B 26 3.12 1.28 6.02
N THR B 27 3.12 0.01 6.42
CA THR B 27 2.50 -0.43 7.68
C THR B 27 3.26 -1.62 8.27
N GLU B 28 3.05 -1.85 9.55
CA GLU B 28 3.68 -2.95 10.27
C GLU B 28 2.65 -3.86 10.91
N SER B 29 2.55 -5.09 10.39
CA SER B 29 1.60 -6.08 10.88
C SER B 29 2.23 -7.47 10.83
N ASP B 30 1.65 -8.40 11.58
CA ASP B 30 2.16 -9.76 11.60
C ASP B 30 2.03 -10.41 10.23
N VAL B 31 1.04 -9.97 9.47
CA VAL B 31 0.81 -10.50 8.13
C VAL B 31 1.86 -10.00 7.12
N ASN B 32 2.26 -8.73 7.25
CA ASN B 32 3.25 -8.17 6.33
C ASN B 32 4.70 -8.21 6.84
N LYS B 33 4.94 -9.09 7.82
CA LYS B 33 6.26 -9.27 8.45
C LYS B 33 6.85 -7.98 9.00
N GLU B 34 6.00 -7.21 9.66
CA GLU B 34 6.38 -5.96 10.27
C GLU B 34 6.98 -4.95 9.28
N GLY B 35 6.30 -4.79 8.14
CA GLY B 35 6.75 -3.85 7.13
C GLY B 35 7.74 -4.37 6.10
N LEU B 36 8.18 -5.61 6.25
CA LEU B 36 9.14 -6.19 5.31
C LEU B 36 8.55 -6.34 3.91
N GLU B 37 7.26 -6.66 3.80
CA GLU B 37 6.65 -6.80 2.48
C GLU B 37 6.50 -5.47 1.75
N CYS B 38 6.42 -4.38 2.51
CA CYS B 38 6.29 -3.05 1.94
C CYS B 38 7.68 -2.60 1.48
N LEU B 39 8.71 -2.96 2.24
CA LEU B 39 10.09 -2.61 1.90
C LEU B 39 10.48 -3.40 0.67
N ARG B 40 9.89 -4.59 0.51
CA ARG B 40 10.18 -5.41 -0.65
C ARG B 40 9.70 -4.73 -1.92
N LEU B 41 8.52 -4.11 -1.85
CA LEU B 41 7.96 -3.40 -3.01
C LEU B 41 8.78 -2.15 -3.31
N LEU B 42 9.28 -1.48 -2.27
CA LEU B 42 10.09 -0.29 -2.48
C LEU B 42 11.41 -0.67 -3.15
N ASN B 43 11.88 -1.87 -2.84
CA ASN B 43 13.13 -2.40 -3.39
C ASN B 43 12.97 -2.65 -4.89
N GLU B 44 11.78 -3.06 -5.30
CA GLU B 44 11.47 -3.34 -6.70
C GLU B 44 11.41 -2.01 -7.46
N ILE B 45 10.78 -1.02 -6.83
CA ILE B 45 10.64 0.32 -7.40
C ILE B 45 12.01 0.96 -7.62
N ILE B 46 12.81 1.02 -6.55
CA ILE B 46 14.16 1.61 -6.61
C ILE B 46 15.02 0.88 -7.63
N ALA B 47 14.86 -0.44 -7.69
CA ALA B 47 15.61 -1.25 -8.63
C ALA B 47 15.22 -0.93 -10.08
N ASP B 48 13.91 -0.76 -10.31
CA ASP B 48 13.41 -0.41 -11.63
C ASP B 48 13.93 0.95 -12.07
N PHE B 49 14.09 1.88 -11.12
CA PHE B 49 14.62 3.21 -11.41
C PHE B 49 16.13 3.08 -11.72
N ASP B 50 16.82 2.17 -11.05
CA ASP B 50 18.25 1.97 -11.27
C ASP B 50 18.58 1.44 -12.66
N ASP B 51 17.78 0.49 -13.13
CA ASP B 51 17.98 -0.08 -14.46
C ASP B 51 17.97 0.97 -15.59
N LEU B 52 17.41 2.16 -15.33
CA LEU B 52 17.37 3.21 -16.34
C LEU B 52 18.77 3.78 -16.55
N LEU B 53 19.57 3.79 -15.49
CA LEU B 53 20.93 4.31 -15.54
C LEU B 53 21.79 3.58 -16.58
N SER B 54 21.36 2.38 -16.97
CA SER B 54 22.08 1.57 -17.96
C SER B 54 21.71 1.92 -19.40
N LYS B 55 20.72 2.80 -19.58
CA LYS B 55 20.30 3.23 -20.90
C LYS B 55 21.36 4.18 -21.43
N PRO B 56 21.74 4.03 -22.71
CA PRO B 56 22.75 4.92 -23.31
C PRO B 56 22.39 6.40 -23.19
N LYS B 57 21.14 6.75 -23.39
CA LYS B 57 20.71 8.14 -23.29
C LYS B 57 20.83 8.70 -21.87
N PHE B 58 21.13 7.84 -20.91
CA PHE B 58 21.26 8.26 -19.51
C PHE B 58 22.65 8.03 -18.91
N SER B 59 23.64 7.86 -19.77
CA SER B 59 25.01 7.65 -19.33
C SER B 59 25.59 8.83 -18.54
N GLY B 60 24.96 10.00 -18.67
CA GLY B 60 25.42 11.19 -17.96
C GLY B 60 24.75 11.41 -16.61
N VAL B 61 23.73 10.61 -16.33
CA VAL B 61 22.98 10.67 -15.07
C VAL B 61 23.70 9.89 -13.96
N GLU B 62 24.03 10.58 -12.89
CA GLU B 62 24.72 9.95 -11.78
C GLU B 62 23.81 9.83 -10.54
N LYS B 63 23.45 8.61 -10.17
CA LYS B 63 22.61 8.43 -8.99
C LYS B 63 23.46 8.74 -7.76
N ILE B 64 22.98 9.67 -6.94
CA ILE B 64 23.71 10.04 -5.73
C ILE B 64 23.32 9.15 -4.55
N LYS B 65 22.02 8.96 -4.33
CA LYS B 65 21.55 8.13 -3.22
C LYS B 65 20.02 8.06 -3.23
N THR B 66 19.47 7.47 -2.17
CA THR B 66 18.03 7.42 -2.00
C THR B 66 17.77 7.88 -0.57
N ILE B 67 16.82 8.78 -0.38
CA ILE B 67 16.49 9.25 0.95
C ILE B 67 15.08 8.72 1.22
N GLY B 68 14.99 7.56 1.86
CA GLY B 68 13.71 6.95 2.13
C GLY B 68 13.18 6.40 0.81
N SER B 69 12.07 6.96 0.34
CA SER B 69 11.48 6.55 -0.92
C SER B 69 11.75 7.63 -1.99
N THR B 70 12.67 8.53 -1.69
CA THR B 70 13.02 9.60 -2.61
C THR B 70 14.29 9.22 -3.38
N TYR B 71 14.35 9.61 -4.65
CA TYR B 71 15.50 9.30 -5.49
C TYR B 71 16.26 10.60 -5.76
N MET B 72 17.59 10.57 -5.63
CA MET B 72 18.41 11.75 -5.86
C MET B 72 19.45 11.45 -6.91
N ALA B 73 19.56 12.34 -7.90
CA ALA B 73 20.52 12.17 -8.98
C ALA B 73 21.05 13.50 -9.47
N ALA B 74 22.01 13.43 -10.40
CA ALA B 74 22.61 14.63 -10.95
C ALA B 74 23.29 14.38 -12.29
N THR B 75 23.42 15.44 -13.08
CA THR B 75 24.09 15.38 -14.38
C THR B 75 25.12 16.50 -14.45
N GLY B 76 26.15 16.31 -15.28
CA GLY B 76 27.17 17.31 -15.42
C GLY B 76 28.33 17.13 -14.46
N LEU B 77 28.40 15.96 -13.83
CA LEU B 77 29.49 15.64 -12.92
C LEU B 77 30.62 15.01 -13.73
N SER B 78 30.30 14.68 -14.97
CA SER B 78 31.26 14.07 -15.91
C SER B 78 31.95 15.15 -16.78
N ALA B 79 31.71 16.42 -16.47
CA ALA B 79 32.29 17.54 -17.22
C ALA B 79 33.70 17.90 -16.74
N GLU B 90 23.69 25.51 -27.09
CA GLU B 90 23.66 25.11 -25.68
C GLU B 90 24.08 23.65 -25.49
N ARG B 91 25.17 23.26 -26.13
CA ARG B 91 25.68 21.90 -26.00
C ARG B 91 26.19 21.80 -24.56
N GLN B 92 26.40 22.97 -23.95
CA GLN B 92 26.87 23.08 -22.58
C GLN B 92 25.73 22.95 -21.56
N TYR B 93 24.50 23.19 -22.01
CA TYR B 93 23.33 23.10 -21.14
C TYR B 93 22.45 21.88 -21.44
N MET B 94 22.94 21.00 -22.30
CA MET B 94 22.19 19.81 -22.70
C MET B 94 21.83 18.89 -21.53
N HIS B 95 22.76 18.69 -20.61
CA HIS B 95 22.56 17.81 -19.45
C HIS B 95 21.33 18.14 -18.59
N ILE B 96 20.96 19.42 -18.57
CA ILE B 96 19.79 19.88 -17.83
C ILE B 96 18.53 19.27 -18.44
N GLY B 97 18.52 19.19 -19.77
CA GLY B 97 17.39 18.59 -20.48
C GLY B 97 17.42 17.09 -20.30
N THR B 98 18.61 16.51 -20.12
CA THR B 98 18.70 15.07 -19.92
C THR B 98 18.10 14.68 -18.55
N MET B 99 18.27 15.56 -17.56
CA MET B 99 17.74 15.31 -16.23
C MET B 99 16.22 15.25 -16.27
N VAL B 100 15.61 16.18 -17.00
CA VAL B 100 14.15 16.22 -17.14
C VAL B 100 13.66 14.94 -17.83
N GLU B 101 14.37 14.49 -18.86
CA GLU B 101 13.99 13.27 -19.56
C GLU B 101 14.05 12.07 -18.60
N PHE B 102 15.02 12.13 -17.69
CA PHE B 102 15.22 11.06 -16.73
C PHE B 102 14.02 11.02 -15.77
N ALA B 103 13.46 12.20 -15.52
CA ALA B 103 12.29 12.33 -14.64
C ALA B 103 11.09 11.68 -15.30
N TYR B 104 10.89 11.95 -16.58
CA TYR B 104 9.77 11.34 -17.30
C TYR B 104 9.93 9.82 -17.31
N ALA B 105 11.16 9.34 -17.46
CA ALA B 105 11.42 7.90 -17.47
C ALA B 105 11.07 7.24 -16.13
N LEU B 106 11.36 7.90 -15.00
CA LEU B 106 11.03 7.37 -13.68
C LEU B 106 9.51 7.18 -13.59
N VAL B 107 8.77 8.16 -14.12
CA VAL B 107 7.31 8.12 -14.13
C VAL B 107 6.83 6.90 -14.90
N GLY B 108 7.48 6.58 -16.02
CA GLY B 108 7.11 5.42 -16.79
C GLY B 108 7.30 4.14 -16.01
N LYS B 109 8.39 4.07 -15.24
CA LYS B 109 8.72 2.91 -14.42
C LYS B 109 7.74 2.79 -13.26
N LEU B 110 7.40 3.92 -12.64
CA LEU B 110 6.46 3.91 -11.52
C LEU B 110 5.04 3.52 -11.97
N ASP B 111 4.69 3.86 -13.21
CA ASP B 111 3.38 3.50 -13.77
C ASP B 111 3.33 1.98 -13.98
N ALA B 112 4.46 1.41 -14.38
CA ALA B 112 4.60 -0.02 -14.63
C ALA B 112 4.35 -0.74 -13.30
N ILE B 113 5.02 -0.28 -12.26
CA ILE B 113 4.88 -0.82 -10.92
C ILE B 113 3.42 -0.76 -10.48
N ASN B 114 2.75 0.37 -10.72
CA ASN B 114 1.35 0.52 -10.34
C ASN B 114 0.45 -0.55 -10.97
N LYS B 115 0.69 -0.82 -12.26
CA LYS B 115 -0.08 -1.83 -13.00
C LYS B 115 -0.03 -3.21 -12.36
N HIS B 116 1.17 -3.61 -11.92
CA HIS B 116 1.38 -4.90 -11.29
C HIS B 116 1.07 -5.01 -9.80
N SER B 117 1.24 -3.92 -9.04
CA SER B 117 0.95 -3.94 -7.61
C SER B 117 -0.39 -3.34 -7.24
N PHE B 118 -1.26 -3.19 -8.23
CA PHE B 118 -2.60 -2.63 -8.03
C PHE B 118 -2.64 -1.34 -7.22
N ASN B 119 -1.58 -0.54 -7.35
CA ASN B 119 -1.47 0.73 -6.63
C ASN B 119 -1.60 1.97 -7.53
N ASP B 120 -1.36 3.15 -6.97
CA ASP B 120 -1.45 4.42 -7.70
C ASP B 120 -0.42 5.44 -7.18
N PHE B 121 0.84 5.03 -7.12
CA PHE B 121 1.89 5.92 -6.67
C PHE B 121 2.18 6.94 -7.75
N LYS B 122 2.33 8.19 -7.35
CA LYS B 122 2.66 9.26 -8.29
C LYS B 122 3.98 9.88 -7.85
N LEU B 123 4.74 10.38 -8.81
CA LEU B 123 6.03 11.00 -8.53
C LEU B 123 5.88 12.52 -8.35
N ARG B 124 6.75 13.11 -7.54
CA ARG B 124 6.76 14.56 -7.30
C ARG B 124 8.23 14.93 -7.45
N VAL B 125 8.56 15.62 -8.55
CA VAL B 125 9.94 16.00 -8.88
C VAL B 125 10.35 17.47 -8.70
N GLY B 126 11.59 17.66 -8.29
CA GLY B 126 12.14 18.98 -8.09
C GLY B 126 13.52 18.99 -8.73
N ILE B 127 13.75 19.95 -9.61
CA ILE B 127 15.02 20.07 -10.33
C ILE B 127 15.57 21.49 -10.27
N ASN B 128 16.89 21.57 -10.11
CA ASN B 128 17.62 22.83 -10.06
C ASN B 128 19.03 22.58 -10.62
N HIS B 129 19.76 23.68 -10.88
CA HIS B 129 21.12 23.60 -11.38
C HIS B 129 21.95 24.79 -10.91
N GLY B 130 23.27 24.60 -10.89
CA GLY B 130 24.18 25.64 -10.45
C GLY B 130 25.45 25.02 -9.89
N PRO B 131 26.21 25.76 -9.09
CA PRO B 131 27.47 25.30 -8.49
C PRO B 131 27.26 24.30 -7.36
N VAL B 132 28.07 23.25 -7.34
CA VAL B 132 28.00 22.24 -6.29
C VAL B 132 29.44 21.84 -5.95
N ILE B 133 29.59 21.09 -4.86
CA ILE B 133 30.89 20.59 -4.43
C ILE B 133 30.73 19.07 -4.34
N ALA B 134 31.56 18.34 -5.07
CA ALA B 134 31.50 16.89 -5.07
C ALA B 134 32.65 16.26 -4.30
N GLY B 135 32.34 15.21 -3.56
CA GLY B 135 33.38 14.53 -2.79
C GLY B 135 32.84 13.58 -1.75
N VAL B 136 33.64 13.36 -0.71
CA VAL B 136 33.30 12.47 0.38
C VAL B 136 33.60 13.17 1.71
N ILE B 137 32.67 13.13 2.65
CA ILE B 137 32.92 13.72 3.96
C ILE B 137 32.68 12.68 5.04
N GLY B 138 33.21 12.93 6.23
CA GLY B 138 33.06 11.99 7.33
C GLY B 138 34.33 11.22 7.56
N ALA B 139 34.23 10.08 8.25
CA ALA B 139 35.41 9.28 8.54
C ALA B 139 35.24 7.76 8.46
N GLN B 140 34.02 7.29 8.22
CA GLN B 140 33.83 5.84 8.15
C GLN B 140 33.90 5.19 6.75
N LYS B 141 32.94 5.49 5.88
CA LYS B 141 32.93 4.90 4.55
C LYS B 141 32.92 5.92 3.42
N PRO B 142 33.57 5.59 2.29
CA PRO B 142 33.69 6.44 1.10
C PRO B 142 32.40 6.52 0.31
N GLN B 143 31.54 7.45 0.72
CA GLN B 143 30.25 7.62 0.07
C GLN B 143 30.23 8.95 -0.67
N TYR B 144 30.17 8.88 -1.99
CA TYR B 144 30.16 10.08 -2.82
C TYR B 144 28.84 10.86 -2.65
N ASP B 145 28.96 12.17 -2.50
CA ASP B 145 27.79 13.03 -2.31
C ASP B 145 28.07 14.41 -2.90
N ILE B 146 27.04 15.26 -3.01
CA ILE B 146 27.23 16.60 -3.54
C ILE B 146 26.60 17.60 -2.56
N TRP B 147 27.21 18.77 -2.41
CA TRP B 147 26.71 19.75 -1.46
C TRP B 147 26.62 21.13 -2.07
N GLY B 148 25.81 21.97 -1.44
CA GLY B 148 25.65 23.34 -1.90
C GLY B 148 24.24 23.87 -1.86
N ASN B 149 24.12 25.19 -1.96
CA ASN B 149 22.85 25.87 -1.99
C ASN B 149 21.99 25.30 -3.14
N THR B 150 22.63 25.01 -4.27
CA THR B 150 21.96 24.45 -5.43
C THR B 150 21.24 23.14 -5.06
N VAL B 151 21.94 22.28 -4.31
CA VAL B 151 21.37 21.02 -3.88
C VAL B 151 20.18 21.26 -2.94
N ASN B 152 20.28 22.26 -2.07
CA ASN B 152 19.20 22.57 -1.13
C ASN B 152 17.93 23.04 -1.84
N VAL B 153 18.08 23.94 -2.81
CA VAL B 153 16.93 24.44 -3.57
C VAL B 153 16.26 23.33 -4.38
N ALA B 154 17.06 22.45 -4.98
CA ALA B 154 16.52 21.34 -5.76
C ALA B 154 15.59 20.54 -4.85
N SER B 155 16.03 20.33 -3.61
CA SER B 155 15.24 19.59 -2.63
C SER B 155 13.97 20.33 -2.27
N ARG B 156 14.04 21.65 -2.14
CA ARG B 156 12.85 22.44 -1.82
C ARG B 156 11.85 22.39 -2.98
N MET B 157 12.38 22.31 -4.20
CA MET B 157 11.52 22.21 -5.39
C MET B 157 10.66 20.95 -5.34
N ASP B 158 11.15 19.93 -4.64
CA ASP B 158 10.44 18.67 -4.47
C ASP B 158 9.49 18.79 -3.26
N SER B 159 10.03 19.20 -2.10
CA SER B 159 9.24 19.33 -0.89
C SER B 159 8.07 20.32 -0.96
N THR B 160 8.11 21.25 -1.91
CA THR B 160 7.01 22.20 -2.09
C THR B 160 6.34 21.99 -3.45
N GLY B 161 6.61 20.83 -4.07
CA GLY B 161 6.05 20.53 -5.37
C GLY B 161 4.66 19.93 -5.39
N VAL B 162 4.27 19.43 -6.56
CA VAL B 162 2.96 18.84 -6.76
C VAL B 162 3.07 17.44 -7.40
N LEU B 163 2.13 16.55 -7.08
CA LEU B 163 2.10 15.20 -7.63
C LEU B 163 1.96 15.26 -9.14
N ASP B 164 2.78 14.48 -9.85
CA ASP B 164 2.78 14.42 -11.31
C ASP B 164 3.36 15.65 -12.00
N LYS B 165 4.06 16.51 -11.25
CA LYS B 165 4.66 17.72 -11.81
C LYS B 165 6.15 17.80 -11.51
N ILE B 166 6.86 18.49 -12.39
CA ILE B 166 8.29 18.70 -12.23
C ILE B 166 8.43 20.18 -11.92
N GLN B 167 8.73 20.51 -10.66
CA GLN B 167 8.90 21.91 -10.30
C GLN B 167 10.34 22.32 -10.45
N VAL B 168 10.58 23.42 -11.17
CA VAL B 168 11.94 23.91 -11.38
C VAL B 168 12.05 25.39 -11.04
N THR B 169 13.26 25.84 -10.73
CA THR B 169 13.50 27.24 -10.41
C THR B 169 13.47 28.11 -11.66
N GLU B 170 13.41 29.43 -11.45
CA GLU B 170 13.40 30.39 -12.55
C GLU B 170 14.60 30.19 -13.46
N GLU B 171 15.80 30.11 -12.89
CA GLU B 171 17.02 29.92 -13.65
C GLU B 171 16.91 28.66 -14.50
N THR B 172 16.36 27.60 -13.92
CA THR B 172 16.25 26.35 -14.65
C THR B 172 15.23 26.44 -15.78
N SER B 173 14.09 27.09 -15.54
CA SER B 173 13.06 27.21 -16.56
C SER B 173 13.55 27.96 -17.80
N LEU B 174 14.46 28.91 -17.59
CA LEU B 174 15.04 29.67 -18.69
C LEU B 174 15.85 28.76 -19.61
N ILE B 175 16.81 28.03 -19.04
CA ILE B 175 17.63 27.11 -19.83
C ILE B 175 16.77 26.06 -20.51
N LEU B 176 15.73 25.61 -19.82
CA LEU B 176 14.82 24.61 -20.37
C LEU B 176 14.03 25.15 -21.57
N GLN B 177 13.80 26.45 -21.56
CA GLN B 177 13.06 27.12 -22.65
C GLN B 177 13.88 27.16 -23.95
N THR B 178 15.18 27.34 -23.83
CA THR B 178 16.09 27.40 -24.98
C THR B 178 16.32 26.01 -25.57
N LEU B 179 15.85 24.99 -24.87
CA LEU B 179 16.00 23.63 -25.34
C LEU B 179 14.73 23.10 -25.97
N GLY B 180 13.65 23.87 -25.91
CA GLY B 180 12.38 23.43 -26.49
C GLY B 180 11.27 23.13 -25.50
N TYR B 181 11.59 23.15 -24.21
CA TYR B 181 10.60 22.88 -23.18
C TYR B 181 9.81 24.16 -22.90
N THR B 182 8.53 24.00 -22.57
CA THR B 182 7.66 25.12 -22.26
C THR B 182 7.31 25.04 -20.76
N CYS B 183 7.23 26.18 -20.07
CA CYS B 183 6.95 26.18 -18.63
C CYS B 183 5.76 27.03 -18.19
N THR B 184 5.21 26.68 -17.03
CA THR B 184 4.07 27.39 -16.46
C THR B 184 4.49 27.93 -15.10
N CYS B 185 4.28 29.23 -14.90
CA CYS B 185 4.66 29.86 -13.65
C CYS B 185 3.77 29.44 -12.51
N ARG B 186 4.38 28.87 -11.48
CA ARG B 186 3.68 28.42 -10.28
C ARG B 186 3.41 29.62 -9.39
N GLY B 187 4.23 30.66 -9.55
CA GLY B 187 4.09 31.86 -8.76
C GLY B 187 5.22 32.03 -7.77
N ILE B 188 5.10 33.05 -6.93
CA ILE B 188 6.10 33.35 -5.93
C ILE B 188 5.71 32.67 -4.62
N ILE B 189 6.55 31.73 -4.18
CA ILE B 189 6.29 31.04 -2.93
C ILE B 189 7.44 31.24 -1.95
N ASN B 190 7.08 31.45 -0.69
CA ASN B 190 8.07 31.63 0.36
C ASN B 190 8.64 30.26 0.72
N VAL B 191 9.86 30.01 0.27
CA VAL B 191 10.55 28.75 0.52
C VAL B 191 11.40 28.94 1.78
N LYS B 192 11.19 28.05 2.75
CA LYS B 192 11.91 28.08 4.03
C LYS B 192 13.42 28.20 3.89
N GLY B 193 13.98 29.26 4.47
CA GLY B 193 15.41 29.49 4.40
C GLY B 193 15.82 30.40 3.25
N LYS B 194 15.03 30.41 2.18
CA LYS B 194 15.35 31.24 1.01
C LYS B 194 14.45 32.47 0.90
N GLY B 195 13.16 32.29 1.19
CA GLY B 195 12.21 33.39 1.10
C GLY B 195 11.40 33.27 -0.17
N ASP B 196 11.01 34.42 -0.74
CA ASP B 196 10.21 34.46 -1.96
C ASP B 196 10.94 34.03 -3.24
N LEU B 197 10.61 32.84 -3.72
CA LEU B 197 11.20 32.31 -4.94
C LEU B 197 10.14 32.10 -6.02
N LYS B 198 10.40 32.59 -7.22
CA LYS B 198 9.46 32.39 -8.30
C LYS B 198 9.82 31.05 -8.93
N THR B 199 8.85 30.14 -9.00
CA THR B 199 9.08 28.79 -9.54
C THR B 199 8.21 28.47 -10.74
N TYR B 200 8.52 27.36 -11.40
CA TYR B 200 7.81 26.92 -12.61
C TYR B 200 7.55 25.41 -12.68
N PHE B 201 6.56 25.03 -13.47
CA PHE B 201 6.20 23.62 -13.69
C PHE B 201 6.45 23.31 -15.17
N VAL B 202 7.22 22.26 -15.44
CA VAL B 202 7.53 21.88 -16.81
C VAL B 202 6.27 21.30 -17.45
N ASN B 203 5.93 21.80 -18.63
CA ASN B 203 4.75 21.34 -19.37
C ASN B 203 4.98 20.00 -20.05
N THR B 204 3.95 19.16 -20.05
CA THR B 204 3.98 17.83 -20.65
C THR B 204 3.23 17.83 -21.98
N ALA C 39 5.51 -29.79 6.73
CA ALA C 39 5.18 -29.06 5.51
C ALA C 39 4.12 -27.99 5.79
N THR C 40 4.30 -26.82 5.18
CA THR C 40 3.37 -25.71 5.36
C THR C 40 3.05 -25.00 4.03
N HIS C 41 1.79 -25.02 3.65
CA HIS C 41 1.33 -24.41 2.42
C HIS C 41 0.62 -23.07 2.68
N ARG C 42 1.00 -22.04 1.92
CA ARG C 42 0.41 -20.71 2.05
C ARG C 42 -0.49 -20.38 0.86
N LEU C 43 -1.80 -20.36 1.11
CA LEU C 43 -2.80 -20.09 0.07
C LEU C 43 -3.34 -18.66 0.13
N LEU C 44 -3.31 -17.99 -1.02
CA LEU C 44 -3.79 -16.62 -1.12
C LEU C 44 -5.08 -16.56 -1.91
N LEU C 45 -6.12 -16.03 -1.28
CA LEU C 45 -7.43 -15.89 -1.93
C LEU C 45 -7.53 -14.51 -2.60
N LEU C 46 -7.74 -14.50 -3.90
CA LEU C 46 -7.86 -13.25 -4.64
C LEU C 46 -9.15 -13.28 -5.43
N GLY C 47 -9.62 -12.10 -5.83
CA GLY C 47 -10.85 -11.98 -6.59
C GLY C 47 -11.52 -10.64 -6.33
N ALA C 48 -12.44 -10.25 -7.21
CA ALA C 48 -13.17 -8.99 -7.07
C ALA C 48 -14.05 -9.01 -5.82
N GLY C 49 -14.59 -7.84 -5.47
CA GLY C 49 -15.45 -7.76 -4.29
C GLY C 49 -16.73 -8.55 -4.42
N GLU C 50 -17.12 -9.23 -3.34
CA GLU C 50 -18.34 -10.04 -3.30
C GLU C 50 -18.30 -11.32 -4.15
N SER C 51 -17.08 -11.78 -4.48
CA SER C 51 -16.92 -13.00 -5.27
C SER C 51 -17.07 -14.26 -4.44
N GLY C 52 -16.89 -14.14 -3.12
CA GLY C 52 -17.02 -15.29 -2.24
C GLY C 52 -15.74 -15.71 -1.50
N LYS C 53 -14.73 -14.87 -1.50
CA LYS C 53 -13.47 -15.20 -0.82
C LYS C 53 -13.62 -15.49 0.68
N SER C 54 -14.30 -14.60 1.40
CA SER C 54 -14.50 -14.78 2.84
C SER C 54 -15.33 -16.02 3.18
N THR C 55 -16.25 -16.37 2.28
CA THR C 55 -17.12 -17.53 2.46
C THR C 55 -16.35 -18.83 2.37
N ILE C 56 -15.29 -18.84 1.56
CA ILE C 56 -14.44 -20.00 1.40
C ILE C 56 -13.68 -20.23 2.71
N VAL C 57 -13.18 -19.14 3.29
CA VAL C 57 -12.46 -19.23 4.56
C VAL C 57 -13.39 -19.72 5.67
N LYS C 58 -14.65 -19.28 5.63
CA LYS C 58 -15.62 -19.70 6.63
C LYS C 58 -15.84 -21.21 6.60
N GLN C 59 -15.81 -21.79 5.40
CA GLN C 59 -15.99 -23.23 5.24
C GLN C 59 -14.78 -23.97 5.80
N MET C 60 -13.57 -23.39 5.69
CA MET C 60 -12.37 -24.05 6.21
C MET C 60 -12.48 -24.24 7.72
N ARG C 61 -13.08 -23.27 8.41
CA ARG C 61 -13.26 -23.38 9.85
C ARG C 61 -14.27 -24.50 10.16
N ILE C 62 -15.39 -24.49 9.45
CA ILE C 62 -16.44 -25.49 9.60
C ILE C 62 -15.94 -26.92 9.28
N LEU C 63 -15.13 -27.02 8.24
CA LEU C 63 -14.59 -28.30 7.79
C LEU C 63 -13.35 -28.82 8.51
N HIS C 64 -12.39 -27.92 8.79
CA HIS C 64 -11.11 -28.32 9.39
C HIS C 64 -10.63 -27.69 10.70
N VAL C 65 -11.47 -26.92 11.38
CA VAL C 65 -11.03 -26.33 12.66
C VAL C 65 -11.82 -26.85 13.87
N GLY C 72 -22.10 -15.87 23.15
CA GLY C 72 -20.85 -15.16 23.26
C GLY C 72 -19.99 -15.30 22.02
N GLU C 73 -19.96 -16.51 21.47
CA GLU C 73 -19.20 -16.82 20.26
C GLU C 73 -19.90 -16.36 18.97
N LYS C 74 -20.78 -17.20 18.44
CA LYS C 74 -21.51 -16.90 17.22
C LYS C 74 -22.72 -15.98 17.47
N ALA C 75 -22.80 -15.41 18.67
CA ALA C 75 -23.89 -14.50 19.04
C ALA C 75 -23.60 -13.08 18.60
N THR C 76 -22.35 -12.82 18.21
CA THR C 76 -21.93 -11.51 17.74
C THR C 76 -22.34 -11.33 16.29
N LYS C 77 -22.54 -12.45 15.60
CA LYS C 77 -22.94 -12.46 14.20
C LYS C 77 -24.44 -12.21 14.02
N VAL C 78 -25.19 -12.23 15.13
CA VAL C 78 -26.63 -11.99 15.09
C VAL C 78 -26.91 -10.58 14.57
N GLN C 79 -26.19 -9.62 15.14
CA GLN C 79 -26.31 -8.22 14.78
C GLN C 79 -25.98 -8.04 13.30
N ASP C 80 -24.91 -8.71 12.85
CA ASP C 80 -24.49 -8.63 11.46
C ASP C 80 -25.57 -9.20 10.50
N ILE C 81 -26.25 -10.27 10.93
CA ILE C 81 -27.31 -10.89 10.15
C ILE C 81 -28.49 -9.92 10.09
N LYS C 82 -28.78 -9.29 11.22
CA LYS C 82 -29.86 -8.32 11.30
C LYS C 82 -29.55 -7.09 10.42
N ASN C 83 -28.28 -6.72 10.30
CA ASN C 83 -27.89 -5.59 9.46
C ASN C 83 -28.15 -5.93 7.99
N ASN C 84 -27.76 -7.13 7.57
CA ASN C 84 -27.96 -7.59 6.19
C ASN C 84 -29.44 -7.53 5.86
N LEU C 85 -30.26 -7.90 6.83
CA LEU C 85 -31.70 -7.91 6.68
C LEU C 85 -32.22 -6.50 6.44
N LYS C 86 -31.82 -5.58 7.30
CA LYS C 86 -32.25 -4.19 7.17
C LYS C 86 -31.71 -3.60 5.87
N GLU C 87 -30.48 -3.97 5.51
CA GLU C 87 -29.86 -3.48 4.28
C GLU C 87 -30.58 -3.96 3.05
N ALA C 88 -30.99 -5.23 3.06
CA ALA C 88 -31.70 -5.82 1.92
C ALA C 88 -33.07 -5.21 1.65
N ILE C 89 -33.88 -5.07 2.70
CA ILE C 89 -35.22 -4.52 2.52
C ILE C 89 -35.20 -3.04 2.13
N GLU C 90 -34.33 -2.26 2.76
CA GLU C 90 -34.26 -0.84 2.45
C GLU C 90 -33.72 -0.56 1.05
N THR C 91 -32.85 -1.45 0.55
CA THR C 91 -32.28 -1.29 -0.78
C THR C 91 -33.34 -1.56 -1.85
N ILE C 92 -34.12 -2.64 -1.68
CA ILE C 92 -35.16 -2.95 -2.64
C ILE C 92 -36.24 -1.85 -2.65
N VAL C 93 -36.63 -1.38 -1.47
CA VAL C 93 -37.65 -0.33 -1.34
C VAL C 93 -37.21 0.99 -1.95
N ALA C 94 -36.00 1.42 -1.60
CA ALA C 94 -35.44 2.67 -2.10
C ALA C 94 -35.15 2.63 -3.59
N ALA C 95 -35.07 1.42 -4.16
CA ALA C 95 -34.77 1.26 -5.58
C ALA C 95 -36.00 1.33 -6.48
N MET C 96 -37.17 1.06 -5.92
CA MET C 96 -38.43 1.04 -6.67
C MET C 96 -38.70 2.31 -7.50
N SER C 97 -38.64 3.48 -6.87
CA SER C 97 -38.92 4.73 -7.56
C SER C 97 -37.85 5.18 -8.57
N ASN C 98 -36.60 4.76 -8.36
CA ASN C 98 -35.51 5.15 -9.23
C ASN C 98 -35.35 4.33 -10.50
N LEU C 99 -35.96 3.15 -10.54
CA LEU C 99 -35.85 2.31 -11.73
C LEU C 99 -36.61 2.90 -12.91
N VAL C 100 -36.23 2.47 -14.11
CA VAL C 100 -36.87 2.93 -15.33
C VAL C 100 -37.27 1.72 -16.16
N PRO C 101 -38.57 1.41 -16.25
CA PRO C 101 -39.67 2.13 -15.58
C PRO C 101 -39.73 1.86 -14.07
N PRO C 102 -40.39 2.75 -13.32
CA PRO C 102 -40.53 2.60 -11.87
C PRO C 102 -41.52 1.48 -11.53
N VAL C 103 -41.21 0.71 -10.49
CA VAL C 103 -42.08 -0.38 -10.05
C VAL C 103 -43.02 0.16 -8.98
N GLU C 104 -44.30 -0.12 -9.15
CA GLU C 104 -45.31 0.32 -8.19
C GLU C 104 -45.76 -0.77 -7.24
N LEU C 105 -46.19 -0.35 -6.06
CA LEU C 105 -46.66 -1.28 -5.04
C LEU C 105 -47.98 -1.92 -5.43
N ALA C 106 -48.16 -3.18 -5.05
CA ALA C 106 -49.40 -3.90 -5.32
C ALA C 106 -50.47 -3.57 -4.27
N ASN C 107 -50.03 -3.07 -3.10
CA ASN C 107 -50.93 -2.72 -1.99
C ASN C 107 -50.65 -1.30 -1.48
N PRO C 108 -51.68 -0.42 -1.53
CA PRO C 108 -51.59 0.99 -1.11
C PRO C 108 -51.08 1.16 0.29
N GLU C 109 -51.52 0.25 1.16
CA GLU C 109 -51.15 0.25 2.58
C GLU C 109 -49.64 0.22 2.78
N ASN C 110 -48.96 -0.56 1.93
CA ASN C 110 -47.51 -0.72 2.00
C ASN C 110 -46.71 0.55 1.75
N GLN C 111 -47.38 1.61 1.28
CA GLN C 111 -46.69 2.88 1.04
C GLN C 111 -46.25 3.43 2.39
N PHE C 112 -47.11 3.22 3.39
CA PHE C 112 -46.81 3.69 4.74
C PHE C 112 -45.63 2.92 5.29
N ARG C 113 -45.58 1.63 4.97
CA ARG C 113 -44.47 0.78 5.41
C ARG C 113 -43.20 1.21 4.68
N VAL C 114 -43.34 1.70 3.45
CA VAL C 114 -42.19 2.18 2.67
C VAL C 114 -41.66 3.44 3.35
N ASP C 115 -42.58 4.30 3.75
CA ASP C 115 -42.23 5.54 4.44
C ASP C 115 -41.48 5.19 5.72
N TYR C 116 -41.95 4.16 6.42
CA TYR C 116 -41.31 3.72 7.65
C TYR C 116 -39.86 3.26 7.44
N ILE C 117 -39.65 2.36 6.48
CA ILE C 117 -38.30 1.87 6.21
C ILE C 117 -37.30 2.96 5.82
N LEU C 118 -37.69 3.82 4.89
CA LEU C 118 -36.81 4.90 4.44
C LEU C 118 -36.51 5.89 5.56
N SER C 119 -37.40 6.02 6.54
CA SER C 119 -37.20 6.94 7.64
C SER C 119 -36.19 6.43 8.67
N VAL C 120 -36.02 5.11 8.75
CA VAL C 120 -35.08 4.52 9.70
C VAL C 120 -33.78 4.08 9.02
N MET C 121 -33.74 4.21 7.70
CA MET C 121 -32.60 3.82 6.89
C MET C 121 -31.21 4.25 7.37
N ASN C 122 -31.03 5.55 7.58
CA ASN C 122 -29.73 6.06 8.02
C ASN C 122 -29.48 6.05 9.51
N VAL C 123 -30.43 5.55 10.28
CA VAL C 123 -30.29 5.48 11.73
C VAL C 123 -29.04 4.70 12.09
N PRO C 124 -28.14 5.30 12.89
CA PRO C 124 -26.89 4.66 13.33
C PRO C 124 -27.17 3.33 14.02
N ASP C 125 -27.17 3.32 15.35
CA ASP C 125 -27.43 2.08 16.09
C ASP C 125 -28.93 1.81 16.21
N PHE C 126 -29.47 1.07 15.25
CA PHE C 126 -30.88 0.72 15.20
C PHE C 126 -31.23 -0.36 16.23
N ASP C 127 -32.31 -0.12 16.98
CA ASP C 127 -32.77 -1.03 18.03
C ASP C 127 -33.57 -2.26 17.58
N PHE C 128 -33.99 -2.28 16.31
CA PHE C 128 -34.76 -3.40 15.75
C PHE C 128 -36.03 -3.78 16.53
N PRO C 129 -36.94 -2.82 16.72
CA PRO C 129 -38.18 -3.11 17.45
C PRO C 129 -38.98 -4.13 16.66
N PRO C 130 -39.89 -4.85 17.33
CA PRO C 130 -40.71 -5.86 16.65
C PRO C 130 -41.53 -5.29 15.49
N GLU C 131 -41.73 -3.97 15.48
CA GLU C 131 -42.48 -3.31 14.40
C GLU C 131 -41.72 -3.47 13.08
N PHE C 132 -40.40 -3.27 13.16
CA PHE C 132 -39.51 -3.37 12.01
C PHE C 132 -39.67 -4.66 11.21
N TYR C 133 -39.69 -5.79 11.91
CA TYR C 133 -39.83 -7.08 11.24
C TYR C 133 -41.20 -7.20 10.59
N GLU C 134 -42.24 -6.73 11.27
CA GLU C 134 -43.59 -6.79 10.73
C GLU C 134 -43.66 -5.96 9.46
N HIS C 135 -42.98 -4.81 9.44
CA HIS C 135 -42.99 -3.95 8.27
C HIS C 135 -42.20 -4.59 7.12
N ALA C 136 -41.02 -5.10 7.45
CA ALA C 136 -40.15 -5.76 6.50
C ALA C 136 -40.88 -6.95 5.86
N LYS C 137 -41.48 -7.79 6.71
CA LYS C 137 -42.21 -8.97 6.25
C LYS C 137 -43.37 -8.61 5.32
N ALA C 138 -44.12 -7.58 5.69
CA ALA C 138 -45.26 -7.13 4.89
C ALA C 138 -44.81 -6.68 3.51
N LEU C 139 -43.76 -5.85 3.48
CA LEU C 139 -43.20 -5.35 2.23
C LEU C 139 -42.67 -6.45 1.33
N TRP C 140 -42.02 -7.45 1.91
CA TRP C 140 -41.47 -8.55 1.15
C TRP C 140 -42.54 -9.46 0.53
N GLU C 141 -43.77 -9.37 1.04
CA GLU C 141 -44.85 -10.18 0.49
C GLU C 141 -45.65 -9.41 -0.59
N ASP C 142 -45.41 -8.11 -0.66
CA ASP C 142 -46.07 -7.26 -1.65
C ASP C 142 -45.42 -7.61 -3.00
N GLU C 143 -46.24 -8.04 -3.96
CA GLU C 143 -45.75 -8.42 -5.29
C GLU C 143 -45.02 -7.33 -6.06
N GLY C 144 -45.31 -6.07 -5.73
CA GLY C 144 -44.63 -4.97 -6.39
C GLY C 144 -43.17 -4.99 -6.01
N VAL C 145 -42.91 -5.14 -4.71
CA VAL C 145 -41.57 -5.21 -4.14
C VAL C 145 -40.80 -6.42 -4.70
N ARG C 146 -41.52 -7.52 -4.97
CA ARG C 146 -40.88 -8.71 -5.52
C ARG C 146 -40.49 -8.49 -6.97
N ALA C 147 -41.32 -7.74 -7.70
CA ALA C 147 -41.04 -7.44 -9.09
C ALA C 147 -39.77 -6.60 -9.13
N CYS C 148 -39.63 -5.71 -8.16
CA CYS C 148 -38.43 -4.87 -8.05
C CYS C 148 -37.23 -5.73 -7.68
N TYR C 149 -37.48 -6.82 -6.94
CA TYR C 149 -36.41 -7.74 -6.53
C TYR C 149 -35.84 -8.48 -7.73
N GLU C 150 -36.72 -8.88 -8.65
CA GLU C 150 -36.32 -9.60 -9.85
C GLU C 150 -35.43 -8.74 -10.77
N ARG C 151 -35.51 -7.43 -10.58
CA ARG C 151 -34.71 -6.51 -11.37
C ARG C 151 -33.51 -5.99 -10.60
N SER C 152 -33.13 -6.69 -9.52
CA SER C 152 -32.00 -6.26 -8.69
C SER C 152 -30.62 -6.17 -9.37
N ASN C 153 -30.47 -6.77 -10.54
CA ASN C 153 -29.20 -6.67 -11.25
C ASN C 153 -29.05 -5.24 -11.78
N GLU C 154 -30.16 -4.50 -11.79
CA GLU C 154 -30.18 -3.13 -12.26
C GLU C 154 -29.75 -2.13 -11.17
N TYR C 155 -29.42 -2.64 -9.99
CA TYR C 155 -28.95 -1.82 -8.89
C TYR C 155 -28.03 -2.64 -8.00
N GLN C 156 -27.65 -2.12 -6.84
CA GLN C 156 -26.74 -2.84 -5.95
C GLN C 156 -27.43 -3.52 -4.76
N LEU C 157 -27.59 -4.84 -4.82
CA LEU C 157 -28.23 -5.60 -3.75
C LEU C 157 -27.37 -6.77 -3.32
N ILE C 158 -27.25 -6.98 -2.01
CA ILE C 158 -26.47 -8.10 -1.48
C ILE C 158 -27.06 -9.47 -1.84
N ASP C 159 -26.18 -10.46 -1.95
CA ASP C 159 -26.54 -11.84 -2.32
C ASP C 159 -27.47 -12.56 -1.35
N CYS C 160 -27.30 -12.30 -0.06
CA CYS C 160 -28.10 -12.96 0.97
C CYS C 160 -29.49 -12.35 1.20
N ALA C 161 -29.90 -11.48 0.28
CA ALA C 161 -31.19 -10.79 0.37
C ALA C 161 -32.42 -11.67 0.50
N GLN C 162 -32.60 -12.61 -0.43
CA GLN C 162 -33.75 -13.49 -0.39
C GLN C 162 -33.69 -14.52 0.74
N TYR C 163 -32.49 -15.01 1.03
CA TYR C 163 -32.29 -15.99 2.09
C TYR C 163 -32.77 -15.47 3.46
N PHE C 164 -32.42 -14.23 3.79
CA PHE C 164 -32.82 -13.64 5.07
C PHE C 164 -34.24 -13.13 5.12
N LEU C 165 -34.68 -12.50 4.04
CA LEU C 165 -36.04 -11.97 3.97
C LEU C 165 -37.08 -13.08 4.08
N ASP C 166 -36.68 -14.31 3.76
CA ASP C 166 -37.58 -15.46 3.87
C ASP C 166 -37.53 -16.07 5.26
N LYS C 167 -36.63 -15.58 6.11
CA LYS C 167 -36.45 -16.08 7.47
C LYS C 167 -36.67 -15.01 8.54
N ILE C 168 -37.40 -13.96 8.21
CA ILE C 168 -37.67 -12.89 9.18
C ILE C 168 -38.26 -13.42 10.49
N ASP C 169 -39.24 -14.31 10.38
CA ASP C 169 -39.90 -14.87 11.56
C ASP C 169 -38.96 -15.66 12.44
N VAL C 170 -37.83 -16.06 11.87
CA VAL C 170 -36.82 -16.82 12.59
C VAL C 170 -35.82 -15.89 13.26
N ILE C 171 -35.36 -14.90 12.51
CA ILE C 171 -34.38 -13.94 13.00
C ILE C 171 -34.90 -13.01 14.08
N LYS C 172 -36.19 -12.69 14.01
CA LYS C 172 -36.80 -11.78 14.98
C LYS C 172 -36.88 -12.29 16.42
N GLN C 173 -36.96 -13.61 16.59
CA GLN C 173 -37.06 -14.20 17.93
C GLN C 173 -35.90 -13.80 18.84
N ASP C 174 -36.19 -13.66 20.13
CA ASP C 174 -35.19 -13.27 21.14
C ASP C 174 -34.16 -14.40 21.32
N ASP C 175 -34.66 -15.63 21.32
CA ASP C 175 -33.85 -16.82 21.47
C ASP C 175 -33.32 -17.36 20.14
N TYR C 176 -33.07 -16.45 19.19
CA TYR C 176 -32.57 -16.82 17.86
C TYR C 176 -31.11 -17.27 17.86
N VAL C 177 -30.89 -18.43 17.26
CA VAL C 177 -29.55 -18.98 17.16
C VAL C 177 -29.20 -19.21 15.70
N PRO C 178 -28.24 -18.42 15.18
CA PRO C 178 -27.81 -18.49 13.79
C PRO C 178 -27.32 -19.87 13.41
N SER C 179 -27.93 -20.47 12.39
CA SER C 179 -27.50 -21.78 11.92
C SER C 179 -26.16 -21.62 11.17
N ASP C 180 -25.56 -22.74 10.76
CA ASP C 180 -24.30 -22.69 10.03
C ASP C 180 -24.46 -21.98 8.69
N GLN C 181 -25.57 -22.28 8.00
CA GLN C 181 -25.87 -21.66 6.72
C GLN C 181 -26.10 -20.16 6.87
N ASP C 182 -26.65 -19.75 8.02
CA ASP C 182 -26.89 -18.33 8.32
C ASP C 182 -25.57 -17.58 8.38
N LEU C 183 -24.57 -18.19 9.02
CA LEU C 183 -23.25 -17.57 9.15
C LEU C 183 -22.52 -17.55 7.82
N LEU C 184 -22.83 -18.52 6.96
CA LEU C 184 -22.21 -18.58 5.64
C LEU C 184 -22.79 -17.54 4.70
N ARG C 185 -24.05 -17.15 4.92
CA ARG C 185 -24.71 -16.16 4.07
C ARG C 185 -24.48 -14.73 4.52
N CYS C 186 -24.22 -14.54 5.81
CA CYS C 186 -23.98 -13.22 6.36
C CYS C 186 -22.89 -12.54 5.53
N ARG C 187 -23.09 -11.28 5.18
CA ARG C 187 -22.10 -10.53 4.39
C ARG C 187 -21.52 -9.34 5.14
N VAL C 188 -20.21 -9.35 5.29
CA VAL C 188 -19.49 -8.27 5.95
C VAL C 188 -18.23 -7.99 5.14
N LEU C 189 -18.02 -6.73 4.80
CA LEU C 189 -16.88 -6.29 3.98
C LEU C 189 -15.48 -6.50 4.58
N THR C 190 -14.59 -7.02 3.74
CA THR C 190 -13.19 -7.31 4.10
C THR C 190 -12.24 -6.13 3.82
N SER C 191 -11.58 -5.65 4.88
CA SER C 191 -10.60 -4.56 4.78
C SER C 191 -9.34 -4.89 5.57
N GLY C 192 -8.27 -5.14 4.83
CA GLY C 192 -6.99 -5.51 5.41
C GLY C 192 -6.75 -6.97 5.06
N ILE C 193 -5.73 -7.57 5.66
CA ILE C 193 -5.42 -8.97 5.40
C ILE C 193 -5.73 -9.80 6.63
N PHE C 194 -6.21 -11.03 6.43
CA PHE C 194 -6.55 -11.91 7.53
C PHE C 194 -6.05 -13.33 7.31
N GLU C 195 -5.28 -13.83 8.28
CA GLU C 195 -4.70 -15.16 8.22
C GLU C 195 -5.49 -16.18 9.02
N THR C 196 -5.87 -17.27 8.37
CA THR C 196 -6.62 -18.37 9.00
C THR C 196 -5.79 -19.65 8.86
N LYS C 197 -5.33 -20.18 9.99
CA LYS C 197 -4.51 -21.39 10.01
C LYS C 197 -5.31 -22.65 10.35
N PHE C 198 -5.04 -23.74 9.63
CA PHE C 198 -5.71 -25.02 9.86
C PHE C 198 -4.89 -26.25 9.40
N GLN C 199 -5.33 -27.44 9.78
CA GLN C 199 -4.66 -28.68 9.42
C GLN C 199 -5.58 -29.72 8.83
N VAL C 200 -5.08 -30.43 7.83
CA VAL C 200 -5.83 -31.50 7.16
C VAL C 200 -4.89 -32.69 6.98
N ASP C 201 -5.04 -33.70 7.84
CA ASP C 201 -4.22 -34.91 7.83
C ASP C 201 -2.77 -34.56 8.17
N LYS C 202 -2.61 -33.78 9.24
CA LYS C 202 -1.31 -33.34 9.72
C LYS C 202 -0.52 -32.43 8.78
N VAL C 203 -1.17 -31.95 7.72
CA VAL C 203 -0.56 -31.04 6.75
C VAL C 203 -1.08 -29.62 7.02
N ASN C 204 -0.17 -28.68 7.21
CA ASN C 204 -0.52 -27.30 7.52
C ASN C 204 -0.88 -26.39 6.35
N PHE C 205 -1.91 -25.58 6.56
CA PHE C 205 -2.39 -24.63 5.57
C PHE C 205 -2.53 -23.25 6.20
N HIS C 206 -1.92 -22.26 5.58
CA HIS C 206 -2.03 -20.87 6.01
C HIS C 206 -2.80 -20.20 4.89
N MET C 207 -4.03 -19.77 5.17
CA MET C 207 -4.86 -19.15 4.15
C MET C 207 -5.02 -17.63 4.40
N PHE C 208 -4.74 -16.84 3.37
CA PHE C 208 -4.86 -15.39 3.48
C PHE C 208 -6.04 -14.86 2.70
N ASP C 209 -6.87 -14.13 3.42
CA ASP C 209 -8.08 -13.53 2.87
C ASP C 209 -7.82 -12.03 2.66
N VAL C 210 -8.26 -11.48 1.54
CA VAL C 210 -8.03 -10.06 1.26
C VAL C 210 -9.26 -9.32 0.73
N GLY C 211 -9.23 -8.00 0.81
CA GLY C 211 -10.34 -7.22 0.29
C GLY C 211 -10.26 -7.30 -1.22
N GLY C 212 -11.41 -7.40 -1.88
CA GLY C 212 -11.43 -7.52 -3.32
C GLY C 212 -11.85 -6.26 -4.07
N GLN C 213 -12.36 -5.27 -3.35
CA GLN C 213 -12.76 -4.01 -3.99
C GLN C 213 -11.51 -3.25 -4.45
N ARG C 214 -11.64 -2.46 -5.50
CA ARG C 214 -10.52 -1.71 -6.07
C ARG C 214 -9.49 -1.10 -5.11
N ASP C 215 -9.95 -0.29 -4.16
CA ASP C 215 -9.05 0.36 -3.21
C ASP C 215 -8.33 -0.61 -2.27
N GLU C 216 -8.84 -1.83 -2.18
CA GLU C 216 -8.28 -2.86 -1.32
C GLU C 216 -7.19 -3.67 -1.98
N ARG C 217 -7.19 -3.72 -3.31
CA ARG C 217 -6.21 -4.50 -4.05
C ARG C 217 -4.74 -4.13 -3.86
N ARG C 218 -4.49 -2.91 -3.40
CA ARG C 218 -3.13 -2.43 -3.20
C ARG C 218 -2.39 -3.14 -2.09
N LYS C 219 -3.10 -3.96 -1.32
CA LYS C 219 -2.49 -4.68 -0.22
C LYS C 219 -2.05 -6.08 -0.60
N TRP C 220 -2.62 -6.60 -1.69
CA TRP C 220 -2.33 -7.94 -2.19
C TRP C 220 -0.85 -8.23 -2.28
N ILE C 221 -0.12 -7.26 -2.83
CA ILE C 221 1.33 -7.32 -3.03
C ILE C 221 2.04 -7.84 -1.79
N GLN C 222 1.54 -7.47 -0.62
CA GLN C 222 2.12 -7.89 0.64
C GLN C 222 2.00 -9.38 0.93
N CYS C 223 1.50 -10.14 -0.05
CA CYS C 223 1.34 -11.58 0.09
C CYS C 223 1.84 -12.36 -1.12
N PHE C 224 2.41 -11.65 -2.08
CA PHE C 224 2.90 -12.32 -3.27
C PHE C 224 4.12 -13.22 -3.07
N ASN C 225 5.11 -12.72 -2.35
CA ASN C 225 6.33 -13.49 -2.11
C ASN C 225 6.09 -14.76 -1.29
N ASP C 226 6.74 -15.85 -1.69
CA ASP C 226 6.61 -17.13 -1.01
C ASP C 226 5.17 -17.60 -0.84
N VAL C 227 4.42 -17.59 -1.94
CA VAL C 227 3.04 -18.04 -1.91
C VAL C 227 3.02 -19.42 -2.55
N THR C 228 2.36 -20.37 -1.91
CA THR C 228 2.30 -21.72 -2.45
C THR C 228 1.46 -21.69 -3.71
N ALA C 229 0.24 -21.19 -3.58
CA ALA C 229 -0.67 -21.10 -4.72
C ALA C 229 -1.76 -20.08 -4.47
N ILE C 230 -2.33 -19.60 -5.57
CA ILE C 230 -3.40 -18.62 -5.52
C ILE C 230 -4.72 -19.27 -5.83
N ILE C 231 -5.76 -18.84 -5.12
CA ILE C 231 -7.11 -19.33 -5.37
C ILE C 231 -7.84 -18.08 -5.83
N PHE C 232 -8.26 -18.07 -7.09
CA PHE C 232 -8.96 -16.92 -7.65
C PHE C 232 -10.44 -17.23 -7.65
N VAL C 233 -11.24 -16.39 -7.00
CA VAL C 233 -12.68 -16.61 -6.92
C VAL C 233 -13.43 -15.67 -7.87
N VAL C 234 -14.44 -16.19 -8.53
CA VAL C 234 -15.24 -15.41 -9.48
C VAL C 234 -16.74 -15.68 -9.30
N ALA C 235 -17.51 -14.60 -9.27
CA ALA C 235 -18.95 -14.70 -9.15
C ALA C 235 -19.54 -14.99 -10.54
N SER C 236 -19.49 -16.27 -10.94
CA SER C 236 -20.00 -16.72 -12.24
C SER C 236 -21.39 -16.19 -12.58
N SER C 237 -22.21 -16.03 -11.56
CA SER C 237 -23.59 -15.56 -11.71
C SER C 237 -23.77 -14.06 -11.95
N SER C 238 -22.76 -13.27 -11.62
CA SER C 238 -22.83 -11.81 -11.76
C SER C 238 -22.61 -11.25 -13.17
N TYR C 239 -22.87 -12.08 -14.19
CA TYR C 239 -22.69 -11.65 -15.57
C TYR C 239 -23.61 -10.52 -16.02
N ASN C 240 -24.74 -10.33 -15.33
CA ASN C 240 -25.68 -9.28 -15.68
C ASN C 240 -25.66 -8.12 -14.68
N MET C 241 -24.55 -7.97 -13.98
CA MET C 241 -24.40 -6.94 -12.97
C MET C 241 -23.15 -6.08 -13.18
N VAL C 242 -23.15 -4.91 -12.54
CA VAL C 242 -22.02 -4.00 -12.61
C VAL C 242 -21.44 -3.86 -11.20
N ILE C 243 -20.17 -3.50 -11.10
CA ILE C 243 -19.51 -3.36 -9.80
C ILE C 243 -19.94 -2.12 -9.04
N ARG C 244 -19.79 -2.16 -7.73
CA ARG C 244 -20.15 -1.05 -6.85
C ARG C 244 -19.28 0.17 -7.04
N GLU C 245 -17.97 -0.06 -7.19
CA GLU C 245 -16.98 1.01 -7.34
C GLU C 245 -17.34 2.15 -8.29
N ASP C 246 -17.95 1.85 -9.43
CA ASP C 246 -18.33 2.89 -10.37
C ASP C 246 -19.74 2.77 -10.92
N ASN C 247 -20.40 1.64 -10.69
CA ASN C 247 -21.76 1.42 -11.16
C ASN C 247 -21.91 1.36 -12.70
N GLN C 248 -20.84 0.93 -13.37
CA GLN C 248 -20.86 0.82 -14.84
C GLN C 248 -20.12 -0.40 -15.41
N THR C 249 -18.96 -0.71 -14.83
CA THR C 249 -18.17 -1.85 -15.29
C THR C 249 -18.79 -3.21 -14.95
N ASN C 250 -19.07 -4.02 -15.98
CA ASN C 250 -19.66 -5.34 -15.79
C ASN C 250 -18.83 -6.18 -14.80
N ARG C 251 -19.51 -6.84 -13.87
CA ARG C 251 -18.83 -7.62 -12.84
C ARG C 251 -17.93 -8.73 -13.35
N LEU C 252 -18.42 -9.50 -14.32
CA LEU C 252 -17.63 -10.59 -14.87
C LEU C 252 -16.43 -10.05 -15.62
N GLN C 253 -16.63 -9.00 -16.43
CA GLN C 253 -15.53 -8.39 -17.17
C GLN C 253 -14.44 -7.94 -16.20
N GLU C 254 -14.87 -7.34 -15.09
CA GLU C 254 -13.95 -6.88 -14.06
C GLU C 254 -13.14 -8.07 -13.52
N ALA C 255 -13.82 -9.18 -13.26
CA ALA C 255 -13.17 -10.39 -12.78
C ALA C 255 -12.16 -10.89 -13.82
N LEU C 256 -12.59 -10.89 -15.08
CA LEU C 256 -11.76 -11.30 -16.22
C LEU C 256 -10.50 -10.44 -16.32
N ASN C 257 -10.67 -9.12 -16.22
CA ASN C 257 -9.53 -8.20 -16.29
C ASN C 257 -8.62 -8.38 -15.09
N LEU C 258 -9.23 -8.68 -13.95
CA LEU C 258 -8.48 -8.89 -12.71
C LEU C 258 -7.66 -10.17 -12.81
N PHE C 259 -8.23 -11.17 -13.48
CA PHE C 259 -7.56 -12.45 -13.67
C PHE C 259 -6.37 -12.28 -14.61
N LYS C 260 -6.59 -11.52 -15.69
CA LYS C 260 -5.52 -11.28 -16.65
C LYS C 260 -4.32 -10.59 -15.98
N SER C 261 -4.60 -9.65 -15.07
CA SER C 261 -3.52 -8.94 -14.39
C SER C 261 -2.81 -9.78 -13.33
N ILE C 262 -3.49 -10.81 -12.83
CA ILE C 262 -2.90 -11.74 -11.85
C ILE C 262 -2.07 -12.78 -12.61
N TRP C 263 -2.70 -13.41 -13.59
CA TRP C 263 -2.06 -14.43 -14.42
C TRP C 263 -0.79 -13.91 -15.10
N ASN C 264 -0.85 -12.68 -15.61
CA ASN C 264 0.31 -12.11 -16.28
C ASN C 264 1.15 -11.18 -15.43
N ASN C 265 0.91 -11.19 -14.11
CA ASN C 265 1.64 -10.35 -13.16
C ASN C 265 3.12 -10.74 -13.20
N ARG C 266 4.00 -9.76 -13.06
CA ARG C 266 5.44 -10.00 -13.10
C ARG C 266 6.00 -10.74 -11.91
N TRP C 267 5.30 -10.68 -10.78
CA TRP C 267 5.76 -11.35 -9.57
C TRP C 267 5.14 -12.72 -9.31
N LEU C 268 4.21 -13.13 -10.16
CA LEU C 268 3.55 -14.42 -9.99
C LEU C 268 3.73 -15.29 -11.23
N ARG C 269 4.84 -15.09 -11.92
CA ARG C 269 5.18 -15.82 -13.13
C ARG C 269 5.18 -17.34 -12.99
N THR C 270 5.65 -17.84 -11.85
CA THR C 270 5.71 -19.28 -11.59
C THR C 270 4.66 -19.77 -10.58
N ILE C 271 3.72 -18.90 -10.20
CA ILE C 271 2.69 -19.25 -9.23
C ILE C 271 1.40 -19.73 -9.89
N SER C 272 0.98 -20.95 -9.55
CA SER C 272 -0.24 -21.54 -10.09
C SER C 272 -1.50 -20.91 -9.51
N VAL C 273 -2.58 -21.00 -10.29
CA VAL C 273 -3.85 -20.43 -9.88
C VAL C 273 -4.95 -21.48 -9.90
N ILE C 274 -5.59 -21.70 -8.75
CA ILE C 274 -6.72 -22.63 -8.66
C ILE C 274 -7.89 -21.67 -8.81
N LEU C 275 -8.64 -21.82 -9.90
CA LEU C 275 -9.76 -20.94 -10.23
C LEU C 275 -11.12 -21.46 -9.76
N PHE C 276 -11.72 -20.76 -8.81
CA PHE C 276 -13.05 -21.13 -8.30
C PHE C 276 -14.12 -20.38 -9.07
N LEU C 277 -14.82 -21.07 -9.95
CA LEU C 277 -15.91 -20.45 -10.70
C LEU C 277 -17.11 -20.56 -9.76
N ASN C 278 -17.16 -19.63 -8.80
CA ASN C 278 -18.18 -19.59 -7.76
C ASN C 278 -19.59 -19.18 -8.14
N LYS C 279 -20.51 -19.42 -7.20
CA LYS C 279 -21.93 -19.07 -7.33
C LYS C 279 -22.65 -19.85 -8.44
N GLN C 280 -22.34 -21.13 -8.57
CA GLN C 280 -22.92 -22.00 -9.58
C GLN C 280 -24.44 -22.17 -9.41
N ASP C 281 -24.90 -22.10 -8.17
CA ASP C 281 -26.33 -22.23 -7.88
C ASP C 281 -27.08 -21.04 -8.46
N LEU C 282 -26.52 -19.85 -8.27
CA LEU C 282 -27.13 -18.64 -8.80
C LEU C 282 -27.00 -18.57 -10.33
N LEU C 283 -25.93 -19.15 -10.89
CA LEU C 283 -25.75 -19.15 -12.34
C LEU C 283 -26.86 -19.99 -12.95
N ALA C 284 -26.99 -21.22 -12.47
CA ALA C 284 -28.01 -22.15 -12.93
C ALA C 284 -29.39 -21.53 -12.84
N GLU C 285 -29.70 -20.93 -11.69
CA GLU C 285 -30.99 -20.30 -11.47
C GLU C 285 -31.27 -19.24 -12.55
N LYS C 286 -30.29 -18.35 -12.80
CA LYS C 286 -30.44 -17.29 -13.81
C LYS C 286 -30.57 -17.85 -15.22
N VAL C 287 -29.75 -18.84 -15.54
CA VAL C 287 -29.79 -19.45 -16.85
C VAL C 287 -31.15 -20.07 -17.14
N LEU C 288 -31.66 -20.84 -16.19
CA LEU C 288 -32.95 -21.50 -16.33
C LEU C 288 -34.12 -20.52 -16.31
N ALA C 289 -33.95 -19.41 -15.58
CA ALA C 289 -34.97 -18.38 -15.46
C ALA C 289 -35.29 -17.74 -16.82
N GLY C 290 -34.28 -17.71 -17.71
CA GLY C 290 -34.43 -17.17 -19.05
C GLY C 290 -34.73 -15.69 -19.22
N LYS C 291 -34.70 -14.93 -18.14
CA LYS C 291 -34.98 -13.51 -18.22
C LYS C 291 -33.79 -12.62 -18.58
N SER C 292 -32.59 -12.99 -18.13
CA SER C 292 -31.39 -12.22 -18.42
C SER C 292 -30.44 -13.07 -19.28
N LYS C 293 -30.47 -12.85 -20.58
CA LYS C 293 -29.65 -13.61 -21.52
C LYS C 293 -28.16 -13.29 -21.45
N ILE C 294 -27.35 -14.35 -21.34
CA ILE C 294 -25.91 -14.21 -21.27
C ILE C 294 -25.32 -13.56 -22.52
N GLU C 295 -25.90 -13.86 -23.69
CA GLU C 295 -25.37 -13.28 -24.92
C GLU C 295 -25.72 -11.81 -25.14
N ASP C 296 -26.44 -11.21 -24.20
CA ASP C 296 -26.78 -9.79 -24.26
C ASP C 296 -25.77 -9.00 -23.46
N TYR C 297 -24.83 -9.72 -22.85
CA TYR C 297 -23.77 -9.13 -22.03
C TYR C 297 -22.41 -9.53 -22.60
N PHE C 298 -22.34 -10.73 -23.15
CA PHE C 298 -21.13 -11.27 -23.76
C PHE C 298 -21.56 -11.92 -25.08
N PRO C 299 -21.56 -11.15 -26.18
CA PRO C 299 -22.01 -11.54 -27.52
C PRO C 299 -21.37 -12.81 -28.02
N GLU C 300 -20.12 -13.03 -27.62
CA GLU C 300 -19.36 -14.21 -28.02
C GLU C 300 -20.04 -15.53 -27.62
N PHE C 301 -20.94 -15.46 -26.65
CA PHE C 301 -21.66 -16.63 -26.18
C PHE C 301 -22.47 -17.27 -27.29
N ALA C 302 -22.98 -16.45 -28.22
CA ALA C 302 -23.78 -16.94 -29.34
C ALA C 302 -23.04 -17.88 -30.29
N ARG C 303 -21.70 -17.90 -30.20
CA ARG C 303 -20.86 -18.78 -31.03
C ARG C 303 -20.51 -20.05 -30.27
N TYR C 304 -20.47 -19.94 -28.94
CA TYR C 304 -20.11 -21.02 -28.03
C TYR C 304 -20.98 -22.28 -28.00
N THR C 305 -20.33 -23.43 -28.13
CA THR C 305 -20.98 -24.74 -28.06
C THR C 305 -20.25 -25.55 -26.99
N THR C 306 -21.01 -26.32 -26.21
CA THR C 306 -20.43 -27.13 -25.14
C THR C 306 -19.33 -28.05 -25.64
N PRO C 307 -18.16 -28.02 -24.96
CA PRO C 307 -17.03 -28.89 -25.33
C PRO C 307 -17.35 -30.38 -25.21
N GLU C 308 -16.58 -31.19 -25.93
CA GLU C 308 -16.75 -32.64 -25.95
C GLU C 308 -16.42 -33.27 -24.60
N ASP C 309 -15.26 -32.88 -24.07
CA ASP C 309 -14.74 -33.36 -22.79
C ASP C 309 -15.54 -32.90 -21.57
N ALA C 310 -16.60 -32.13 -21.79
CA ALA C 310 -17.44 -31.63 -20.71
C ALA C 310 -17.99 -32.73 -19.81
N THR C 311 -17.99 -32.48 -18.50
CA THR C 311 -18.47 -33.44 -17.53
C THR C 311 -19.61 -32.89 -16.67
N PRO C 312 -20.83 -32.84 -17.22
CA PRO C 312 -21.97 -32.32 -16.45
C PRO C 312 -22.37 -33.19 -15.26
N GLU C 313 -23.08 -32.59 -14.31
CA GLU C 313 -23.56 -33.30 -13.13
C GLU C 313 -24.76 -34.14 -13.55
N PRO C 314 -25.16 -35.09 -12.70
CA PRO C 314 -26.33 -35.91 -13.02
C PRO C 314 -27.61 -35.08 -13.16
N GLY C 315 -28.30 -35.24 -14.29
CA GLY C 315 -29.54 -34.53 -14.54
C GLY C 315 -29.43 -33.03 -14.80
N GLU C 316 -28.19 -32.54 -14.95
CA GLU C 316 -27.94 -31.12 -15.22
C GLU C 316 -28.43 -30.70 -16.61
N ASP C 317 -29.24 -29.64 -16.66
CA ASP C 317 -29.76 -29.12 -17.91
C ASP C 317 -28.61 -28.70 -18.85
N PRO C 318 -28.62 -29.18 -20.10
CA PRO C 318 -27.57 -28.83 -21.06
C PRO C 318 -27.39 -27.32 -21.25
N ARG C 319 -28.42 -26.54 -20.93
CA ARG C 319 -28.33 -25.08 -21.02
C ARG C 319 -27.41 -24.52 -19.92
N VAL C 320 -27.48 -25.11 -18.74
CA VAL C 320 -26.64 -24.70 -17.60
C VAL C 320 -25.21 -25.14 -17.87
N THR C 321 -25.07 -26.35 -18.44
CA THR C 321 -23.77 -26.94 -18.76
C THR C 321 -23.03 -25.99 -19.71
N ARG C 322 -23.77 -25.54 -20.71
CA ARG C 322 -23.26 -24.64 -21.72
C ARG C 322 -22.80 -23.31 -21.12
N ALA C 323 -23.61 -22.72 -20.24
CA ALA C 323 -23.27 -21.45 -19.63
C ALA C 323 -22.07 -21.51 -18.70
N LYS C 324 -22.05 -22.49 -17.81
CA LYS C 324 -20.95 -22.61 -16.87
C LYS C 324 -19.61 -22.88 -17.52
N TYR C 325 -19.62 -23.65 -18.61
CA TYR C 325 -18.40 -23.98 -19.33
C TYR C 325 -17.91 -22.81 -20.20
N PHE C 326 -18.83 -21.97 -20.64
CA PHE C 326 -18.49 -20.81 -21.44
C PHE C 326 -17.69 -19.85 -20.58
N ILE C 327 -18.22 -19.60 -19.38
CA ILE C 327 -17.59 -18.73 -18.41
C ILE C 327 -16.20 -19.27 -18.08
N ARG C 328 -16.13 -20.58 -17.88
CA ARG C 328 -14.85 -21.23 -17.59
C ARG C 328 -13.84 -20.93 -18.70
N ASP C 329 -14.23 -21.19 -19.94
CA ASP C 329 -13.35 -20.97 -21.09
C ASP C 329 -12.86 -19.53 -21.29
N GLU C 330 -13.68 -18.56 -20.91
CA GLU C 330 -13.29 -17.15 -21.04
C GLU C 330 -12.06 -16.91 -20.16
N PHE C 331 -11.96 -17.64 -19.07
CA PHE C 331 -10.82 -17.51 -18.16
C PHE C 331 -9.64 -18.33 -18.64
N LEU C 332 -9.93 -19.50 -19.22
CA LEU C 332 -8.88 -20.37 -19.73
C LEU C 332 -8.16 -19.74 -20.93
N ARG C 333 -8.90 -18.99 -21.76
CA ARG C 333 -8.32 -18.31 -22.91
C ARG C 333 -7.16 -17.41 -22.48
N ILE C 334 -7.30 -16.80 -21.31
CA ILE C 334 -6.29 -15.91 -20.77
C ILE C 334 -5.10 -16.72 -20.25
N SER C 335 -5.38 -17.78 -19.50
CA SER C 335 -4.33 -18.62 -18.94
C SER C 335 -3.61 -19.44 -20.01
N THR C 336 -4.33 -19.75 -21.08
CA THR C 336 -3.79 -20.52 -22.21
C THR C 336 -2.78 -19.68 -22.99
N ALA C 337 -3.07 -18.39 -23.12
CA ALA C 337 -2.22 -17.47 -23.86
C ALA C 337 -0.83 -17.13 -23.29
N SER C 338 -0.48 -17.61 -22.10
CA SER C 338 0.84 -17.29 -21.53
C SER C 338 1.31 -18.19 -20.39
N GLY C 339 2.56 -18.00 -19.95
CA GLY C 339 3.12 -18.81 -18.87
C GLY C 339 3.86 -20.04 -19.35
N ASP C 340 3.12 -20.92 -20.01
CA ASP C 340 3.63 -22.17 -20.61
C ASP C 340 4.69 -22.90 -19.79
N GLY C 341 4.25 -23.86 -19.00
CA GLY C 341 5.18 -24.63 -18.18
C GLY C 341 5.58 -24.02 -16.85
N ARG C 342 5.69 -22.70 -16.80
CA ARG C 342 6.08 -22.01 -15.57
C ARG C 342 5.02 -22.17 -14.46
N HIS C 343 3.76 -22.03 -14.83
CA HIS C 343 2.64 -22.16 -13.90
C HIS C 343 1.38 -22.65 -14.61
N TYR C 344 0.42 -23.18 -13.85
CA TYR C 344 -0.80 -23.70 -14.47
C TYR C 344 -2.07 -23.19 -13.81
N CYS C 345 -3.17 -23.28 -14.54
CA CYS C 345 -4.49 -22.86 -14.06
C CYS C 345 -5.44 -24.04 -13.89
N TYR C 346 -5.87 -24.29 -12.66
CA TYR C 346 -6.78 -25.40 -12.32
C TYR C 346 -8.19 -24.90 -11.98
N PRO C 347 -9.14 -24.97 -12.92
CA PRO C 347 -10.50 -24.53 -12.64
C PRO C 347 -11.36 -25.54 -11.87
N HIS C 348 -12.39 -25.04 -11.19
CA HIS C 348 -13.32 -25.85 -10.41
C HIS C 348 -14.67 -25.14 -10.36
N PHE C 349 -15.75 -25.89 -10.53
CA PHE C 349 -17.09 -25.31 -10.44
C PHE C 349 -17.44 -25.36 -8.95
N THR C 350 -17.66 -24.19 -8.34
CA THR C 350 -17.96 -24.17 -6.91
C THR C 350 -19.18 -23.36 -6.49
N CYS C 351 -19.59 -23.59 -5.24
CA CYS C 351 -20.73 -22.92 -4.61
C CYS C 351 -20.32 -22.80 -3.15
N ALA C 352 -19.65 -21.68 -2.83
CA ALA C 352 -19.12 -21.43 -1.49
C ALA C 352 -20.00 -21.58 -0.25
N VAL C 353 -21.31 -21.43 -0.38
CA VAL C 353 -22.20 -21.57 0.79
C VAL C 353 -22.65 -23.02 0.99
N ASP C 354 -22.20 -23.90 0.10
CA ASP C 354 -22.54 -25.33 0.14
C ASP C 354 -21.34 -26.12 0.66
N THR C 355 -21.32 -26.37 1.97
CA THR C 355 -20.25 -27.10 2.64
C THR C 355 -19.83 -28.42 2.00
N GLU C 356 -20.78 -29.14 1.40
CA GLU C 356 -20.49 -30.40 0.74
C GLU C 356 -19.54 -30.17 -0.42
N ASN C 357 -19.96 -29.27 -1.30
CA ASN C 357 -19.20 -28.90 -2.48
C ASN C 357 -17.81 -28.39 -2.12
N ILE C 358 -17.70 -27.55 -1.09
CA ILE C 358 -16.39 -27.03 -0.71
C ILE C 358 -15.48 -28.13 -0.18
N ARG C 359 -16.04 -29.09 0.54
CA ARG C 359 -15.24 -30.20 1.05
C ARG C 359 -14.66 -30.92 -0.17
N ARG C 360 -15.55 -31.22 -1.12
CA ARG C 360 -15.19 -31.89 -2.36
C ARG C 360 -14.12 -31.16 -3.17
N VAL C 361 -14.36 -29.88 -3.48
CA VAL C 361 -13.40 -29.12 -4.27
C VAL C 361 -12.08 -28.85 -3.56
N PHE C 362 -12.11 -28.60 -2.24
CA PHE C 362 -10.86 -28.36 -1.51
C PHE C 362 -10.03 -29.64 -1.44
N ASN C 363 -10.68 -30.81 -1.46
CA ASN C 363 -9.92 -32.06 -1.45
C ASN C 363 -9.22 -32.23 -2.80
N ASP C 364 -9.85 -31.71 -3.84
CA ASP C 364 -9.30 -31.76 -5.18
C ASP C 364 -8.07 -30.85 -5.15
N CYS C 365 -8.18 -29.73 -4.43
CA CYS C 365 -7.08 -28.77 -4.31
C CYS C 365 -5.89 -29.39 -3.61
N ARG C 366 -6.14 -30.18 -2.56
CA ARG C 366 -5.07 -30.85 -1.82
C ARG C 366 -4.25 -31.78 -2.71
N ASP C 367 -4.92 -32.44 -3.66
CA ASP C 367 -4.28 -33.35 -4.60
C ASP C 367 -3.43 -32.57 -5.60
N ILE C 368 -3.88 -31.37 -5.94
CA ILE C 368 -3.14 -30.51 -6.87
C ILE C 368 -1.86 -29.99 -6.22
N ILE C 369 -1.98 -29.56 -4.96
CA ILE C 369 -0.85 -29.01 -4.21
C ILE C 369 0.24 -30.03 -3.86
N GLN C 370 -0.17 -31.25 -3.50
CA GLN C 370 0.78 -32.30 -3.13
C GLN C 370 1.51 -32.96 -4.31
N ARG C 371 0.78 -33.15 -5.42
CA ARG C 371 1.36 -33.75 -6.63
C ARG C 371 2.54 -32.99 -7.19
N MET C 372 2.56 -31.68 -6.98
CA MET C 372 3.61 -30.83 -7.51
C MET C 372 4.00 -29.71 -6.55
MG MG D . 18.54 21.27 9.47
MG MG E . 17.50 18.91 7.21
C1 FOK F . 14.20 6.19 7.72
O2 FOK F . 14.61 5.35 6.63
C2 FOK F . 15.41 7.02 8.13
C3 FOK F . 15.85 8.01 7.08
C4 FOK F . 14.70 9.02 6.70
C5 FOK F . 13.48 8.17 6.28
C6 FOK F . 12.34 8.98 5.63
O3 FOK F . 11.76 9.93 6.52
C7 FOK F . 11.27 8.06 5.02
O4 FOK F . 10.15 8.85 4.54
C8 FOK F . 10.68 6.99 5.98
O1 FOK F . 9.95 6.11 5.11
C9 FOK F . 11.91 6.21 6.51
O6 FOK F . 12.50 5.67 5.30
C10 FOK F . 12.98 7.07 7.29
C11 FOK F . 11.37 4.95 7.22
O7 FOK F . 11.59 4.69 8.40
C12 FOK F . 10.55 4.05 6.32
C13 FOK F . 9.46 4.81 5.54
C14 FOK F . 9.31 4.05 4.26
C15 FOK F . 10.19 3.65 3.51
C16 FOK F . 8.16 4.88 6.29
C17 FOK F . 9.74 7.60 7.03
C18 FOK F . 15.22 9.84 5.48
C19 FOK F . 14.49 10.03 7.87
C20 FOK F . 12.41 7.62 8.61
C21 FOK F . 10.30 9.49 3.35
O5 FOK F . 10.95 9.04 2.45
C22 FOK F . 9.53 10.81 3.31
PG 3PO G . 15.44 23.07 10.21
O1G 3PO G . 15.41 24.19 11.19
O2G 3PO G . 16.26 21.86 10.51
O3G 3PO G . 14.04 22.61 9.96
PB 3PO G . 16.32 23.00 7.59
O1B 3PO G . 15.90 23.88 6.47
O2B 3PO G . 17.75 22.62 7.73
O3B 3PO G . 15.87 23.61 8.88
PA 3PO G . 15.62 20.46 6.77
O1A 3PO G . 15.50 19.34 7.74
O2A 3PO G . 14.70 20.54 5.62
O3A 3PO G . 15.52 21.74 7.54
O5' 3PO G . 17.11 20.50 6.23
O1 MES H . -3.83 16.15 10.29
C2 MES H . -3.55 14.77 10.25
C3 MES H . -2.15 14.50 9.78
N4 MES H . -1.17 15.12 10.66
C5 MES H . -1.53 16.63 10.81
C6 MES H . -2.96 16.80 11.21
C7 MES H . 0.23 14.88 10.27
C8 MES H . 1.27 15.70 11.00
S MES H . 2.84 14.86 11.05
O1S MES H . 3.23 14.66 9.68
O2S MES H . 2.59 13.62 11.73
O3S MES H . 3.74 15.72 11.77
P 103 I . 15.36 18.92 5.19
O1P 103 I . 15.95 18.07 6.26
O2P 103 I . 15.18 20.38 5.42
O3P 103 I . 14.04 18.36 4.81
C5' 103 I . 17.55 21.67 2.19
C4' 103 I . 17.25 20.20 2.22
O4' 103 I . 18.17 19.49 1.34
C3' 103 I . 17.37 19.53 3.60
O3' 103 I . 16.19 18.72 3.84
C2' 103 I . 18.58 18.63 3.47
C1' 103 I . 18.60 18.30 1.99
N9 103 I . 19.92 17.96 1.46
C8 103 I . 20.94 18.81 1.13
N7 103 I . 22.02 18.21 0.70
C5 103 I . 21.68 16.86 0.74
C6 103 I . 22.39 15.70 0.40
N6 103 I . 23.64 15.72 -0.07
N1 103 I . 21.77 14.50 0.57
C2 103 I . 20.51 14.50 1.01
N3 103 I . 19.73 15.52 1.35
C4 103 I . 20.39 16.69 1.19
O1 MES J . 1.35 19.34 -16.94
C2 MES J . 0.48 20.36 -17.44
C3 MES J . 0.22 21.40 -16.40
N4 MES J . 1.45 22.07 -15.99
C5 MES J . 2.45 20.97 -15.53
C6 MES J . 2.60 19.92 -16.59
C7 MES J . 1.25 23.14 -14.98
C8 MES J . -0.17 23.41 -14.53
S MES J . -0.36 23.06 -12.80
O1S MES J . -0.02 21.68 -12.62
O2S MES J . -1.72 23.34 -12.47
O3S MES J . 0.56 23.94 -12.11
MG MG K . -14.38 -10.77 1.87
CL CL L . -16.42 -11.56 -9.19
CL CL M . -20.41 -31.83 4.23
PG GSP N . -14.99 -8.91 -0.41
O3B GSP N . -15.89 -10.08 -0.70
S1G GSP N . -15.84 -7.19 -0.44
O2G GSP N . -14.53 -9.01 1.00
O3G GSP N . -13.97 -8.83 -1.49
PB GSP N . -15.83 -11.58 -0.63
O1B GSP N . -15.20 -12.10 -1.87
O2B GSP N . -15.22 -11.95 0.67
PA GSP N . -18.06 -12.86 0.35
O1A GSP N . -17.29 -14.12 0.58
O2A GSP N . -18.43 -12.02 1.50
O3A GSP N . -17.28 -12.01 -0.62
O5' GSP N . -19.39 -13.26 -0.41
C5' GSP N . -20.38 -12.28 -0.69
C4' GSP N . -21.77 -12.83 -0.47
O4' GSP N . -22.09 -13.85 -1.45
C3' GSP N . -22.00 -13.48 0.89
O3' GSP N . -23.32 -13.14 1.33
C2' GSP N . -21.94 -14.95 0.60
O2' GSP N . -22.72 -15.74 1.47
C1' GSP N . -22.51 -15.04 -0.80
N9 GSP N . -22.02 -16.16 -1.58
C8 GSP N . -20.70 -16.54 -1.75
N7 GSP N . -20.58 -17.61 -2.50
C5 GSP N . -21.88 -17.94 -2.84
C6 GSP N . -22.36 -19.00 -3.64
O6 GSP N . -21.72 -19.87 -4.23
N1 GSP N . -23.74 -19.00 -3.72
C2 GSP N . -24.57 -18.08 -3.12
N2 GSP N . -25.90 -18.25 -3.30
N3 GSP N . -24.12 -17.07 -2.38
C4 GSP N . -22.78 -17.07 -2.27
#